data_9I51
#
_entry.id   9I51
#
_cell.length_a   59.310
_cell.length_b   70.504
_cell.length_c   85.206
_cell.angle_alpha   103.10
_cell.angle_beta   94.85
_cell.angle_gamma   112.74
#
_symmetry.space_group_name_H-M   'P 1'
#
loop_
_entity.id
_entity.type
_entity.pdbx_description
1 polymer 'SARS-CoV-2 helicase NSP13'
2 non-polymer 'ZINC ION'
3 non-polymer "ADENOSINE-5'-DIPHOSPHATE"
4 non-polymer 'PHOSPHATE ION'
5 non-polymer '3[N-MORPHOLINO]PROPANE SULFONIC ACID'
6 water water
#
_entity_poly.entity_id   1
_entity_poly.type   'polypeptide(L)'
_entity_poly.pdbx_seq_one_letter_code
;SMAVGACVLCNSQTSLRCGACIRRPFLCCKCCYDHVISTSHKLVLSVNPYVCNAPGCDVTDVTQLYLGGMSYYCKSHKPP
ISFPLCANGQVFGLYKNTCVGSDNVTDFNAIATCDWTNAGDYILANTCTERLKLFAAETLKATEETFKLSYGIATVREVL
SDRELHLSWEVGKPRPPLNRNYVFTGYRVTKNSKVQIGEYTFEKGDYGDAVVYRGTTTYKLNVGDYFVLTSHTVMPLSAP
TLVPQEHYVRITGLYPTLNISDEFSSNVANYQKVGMQKYSTLQGPPGTGKSHFAIGLALYYPSARIVYTACSHAAVDALC
EKALKYLPIDKCSRIIPARARVECFDKFKVNSTLEQYVFCTVNALPETTADIVVFDEISMATNYDLSVVNARLRAKHYVY
IGDPAQLPAPRTLLTKGTLEPEYFNSVCRLMKTIGPDMFLGTCRRCPAEIVDTVSALVYDNKLKAHKDKSAQCFKMFYKG
VITHDVSSAINRPQIGVVREFLTRNPAWRKAVFISPYNSQNAVASKILGLPTQTVDSSQGSEYDYVIFTQTTETAHSCNV
NRFNVAITRAKVGILCIMSDRDLYDKLQFTSLEIPRRNVATLQ
;
_entity_poly.pdbx_strand_id   A,B
#
loop_
_chem_comp.id
_chem_comp.type
_chem_comp.name
_chem_comp.formula
ADP non-polymer ADENOSINE-5'-DIPHOSPHATE 'C10 H15 N5 O10 P2'
MPO non-polymer '3[N-MORPHOLINO]PROPANE SULFONIC ACID' 'C7 H15 N O4 S'
PO4 non-polymer 'PHOSPHATE ION' 'O4 P -3'
ZN non-polymer 'ZINC ION' 'Zn 2'
#
# COMPACT_ATOMS: atom_id res chain seq x y z
N ALA A 3 8.01 9.78 -23.46
CA ALA A 3 8.34 10.98 -24.22
C ALA A 3 7.16 11.44 -25.08
N VAL A 4 6.15 10.59 -25.19
CA VAL A 4 4.92 10.91 -25.90
C VAL A 4 3.77 10.83 -24.92
N GLY A 5 2.99 11.90 -24.83
CA GLY A 5 1.87 11.95 -23.91
C GLY A 5 0.83 12.95 -24.36
N ALA A 6 -0.10 13.25 -23.46
CA ALA A 6 -1.21 14.14 -23.73
C ALA A 6 -0.97 15.50 -23.10
N CYS A 7 -1.26 16.56 -23.86
CA CYS A 7 -1.02 17.91 -23.37
C CYS A 7 -1.84 18.16 -22.11
N VAL A 8 -1.21 18.87 -21.15
CA VAL A 8 -1.93 19.10 -19.89
C VAL A 8 -3.11 20.04 -20.11
N LEU A 9 -3.01 20.95 -21.07
CA LEU A 9 -4.08 21.91 -21.29
C LEU A 9 -5.19 21.34 -22.16
N CYS A 10 -4.85 20.71 -23.28
CA CYS A 10 -5.84 20.33 -24.28
C CYS A 10 -5.87 18.85 -24.62
N ASN A 11 -5.04 18.02 -23.99
CA ASN A 11 -5.03 16.57 -24.16
C ASN A 11 -4.58 16.13 -25.54
N SER A 12 -4.10 17.04 -26.38
CA SER A 12 -3.59 16.67 -27.68
C SER A 12 -2.27 15.91 -27.54
N GLN A 13 -2.06 14.95 -28.44
CA GLN A 13 -0.85 14.15 -28.42
C GLN A 13 0.36 15.04 -28.69
N THR A 14 1.45 14.78 -27.98
CA THR A 14 2.65 15.58 -28.13
C THR A 14 3.87 14.76 -27.74
N SER A 15 5.01 15.18 -28.27
CA SER A 15 6.31 14.66 -27.89
C SER A 15 7.12 15.66 -27.07
N LEU A 16 6.49 16.73 -26.58
CA LEU A 16 7.19 17.82 -25.91
C LEU A 16 6.82 17.87 -24.43
N ARG A 17 7.81 18.23 -23.60
CA ARG A 17 7.60 18.53 -22.20
C ARG A 17 8.41 19.76 -21.84
N CYS A 18 7.91 20.55 -20.90
CA CYS A 18 8.68 21.69 -20.42
C CYS A 18 9.71 21.21 -19.41
N GLY A 19 10.99 21.42 -19.72
CA GLY A 19 12.07 21.02 -18.84
C GLY A 19 12.29 21.94 -17.65
N ALA A 20 11.70 23.14 -17.66
CA ALA A 20 11.90 24.07 -16.55
C ALA A 20 10.84 23.92 -15.47
N CYS A 21 9.63 23.50 -15.84
CA CYS A 21 8.61 23.18 -14.83
C CYS A 21 9.07 22.02 -13.95
N ILE A 22 8.78 22.12 -12.65
CA ILE A 22 9.24 21.11 -11.72
C ILE A 22 8.57 19.76 -11.99
N ARG A 23 7.38 19.75 -12.56
CA ARG A 23 6.66 18.53 -12.87
C ARG A 23 6.80 18.09 -14.33
N ARG A 24 7.44 18.90 -15.17
CA ARG A 24 7.66 18.60 -16.59
C ARG A 24 6.38 18.14 -17.30
N PRO A 25 5.38 19.00 -17.42
CA PRO A 25 4.12 18.58 -18.03
C PRO A 25 4.28 18.48 -19.54
N PHE A 26 3.47 17.60 -20.13
CA PHE A 26 3.35 17.60 -21.58
C PHE A 26 2.60 18.84 -22.04
N LEU A 27 3.05 19.41 -23.15
CA LEU A 27 2.41 20.55 -23.78
C LEU A 27 2.44 20.30 -25.27
N CYS A 28 1.32 20.50 -25.96
CA CYS A 28 1.35 20.31 -27.41
C CYS A 28 2.13 21.45 -28.04
N CYS A 29 2.33 21.34 -29.36
CA CYS A 29 3.13 22.33 -30.08
C CYS A 29 2.62 23.75 -29.86
N LYS A 30 1.29 23.92 -29.81
CA LYS A 30 0.72 25.26 -29.66
C LYS A 30 0.76 25.73 -28.20
N CYS A 31 0.41 24.86 -27.25
CA CYS A 31 0.47 25.25 -25.84
C CYS A 31 1.91 25.48 -25.40
N CYS A 32 2.86 24.73 -25.95
CA CYS A 32 4.25 24.88 -25.54
C CYS A 32 4.82 26.23 -25.98
N TYR A 33 4.45 26.69 -27.18
CA TYR A 33 4.89 28.00 -27.64
C TYR A 33 4.41 29.09 -26.71
N ASP A 34 3.13 29.07 -26.35
CA ASP A 34 2.61 30.09 -25.44
C ASP A 34 3.26 30.03 -24.07
N HIS A 35 3.75 28.85 -23.67
CA HIS A 35 4.49 28.73 -22.42
C HIS A 35 5.85 29.41 -22.51
N VAL A 36 6.64 29.06 -23.53
CA VAL A 36 8.02 29.53 -23.60
C VAL A 36 8.09 30.99 -24.03
N ILE A 37 7.13 31.45 -24.84
CA ILE A 37 7.16 32.81 -25.34
C ILE A 37 6.73 33.84 -24.29
N SER A 38 6.18 33.41 -23.16
CA SER A 38 5.65 34.31 -22.15
C SER A 38 6.29 34.15 -20.78
N THR A 39 7.12 33.14 -20.56
CA THR A 39 7.72 32.90 -19.25
C THR A 39 9.23 32.72 -19.41
N SER A 40 9.94 32.66 -18.27
CA SER A 40 11.36 32.37 -18.26
C SER A 40 11.67 30.91 -18.58
N HIS A 41 10.65 30.06 -18.74
CA HIS A 41 10.85 28.66 -19.08
C HIS A 41 11.18 28.56 -20.57
N LYS A 42 12.42 28.17 -20.89
CA LYS A 42 12.85 28.11 -22.27
C LYS A 42 13.40 26.74 -22.66
N LEU A 43 13.53 25.81 -21.72
CA LEU A 43 14.01 24.48 -22.02
C LEU A 43 12.83 23.59 -22.40
N VAL A 44 12.88 23.00 -23.58
CA VAL A 44 11.85 22.08 -24.03
C VAL A 44 12.46 20.70 -24.18
N LEU A 45 11.75 19.68 -23.70
CA LEU A 45 12.24 18.31 -23.71
C LEU A 45 11.39 17.48 -24.66
N SER A 46 12.06 16.62 -25.42
CA SER A 46 11.42 15.71 -26.37
C SER A 46 12.11 14.36 -26.21
N VAL A 47 11.95 13.48 -27.21
CA VAL A 47 12.73 12.24 -27.21
C VAL A 47 14.18 12.55 -26.87
N ASN A 48 14.73 13.59 -27.48
CA ASN A 48 16.01 14.19 -27.17
C ASN A 48 15.76 15.62 -26.72
N PRO A 49 16.58 16.15 -25.83
CA PRO A 49 16.40 17.55 -25.40
C PRO A 49 16.67 18.52 -26.53
N TYR A 50 15.88 19.59 -26.56
CA TYR A 50 16.07 20.66 -27.55
C TYR A 50 17.20 21.54 -27.05
N VAL A 51 18.42 21.19 -27.45
CA VAL A 51 19.62 21.96 -27.15
C VAL A 51 20.47 21.98 -28.41
N CYS A 52 21.39 22.94 -28.49
CA CYS A 52 22.29 22.98 -29.65
C CYS A 52 23.23 21.78 -29.60
N ASN A 53 23.33 21.07 -30.72
CA ASN A 53 24.08 19.83 -30.79
C ASN A 53 25.52 20.01 -31.23
N ALA A 54 25.95 21.22 -31.56
CA ALA A 54 27.34 21.45 -31.94
C ALA A 54 28.24 21.28 -30.72
N PRO A 55 29.47 20.80 -30.92
CA PRO A 55 30.36 20.56 -29.78
C PRO A 55 30.63 21.84 -29.01
N GLY A 56 30.55 21.75 -27.68
CA GLY A 56 30.85 22.87 -26.81
C GLY A 56 29.73 23.88 -26.61
N CYS A 57 28.68 23.84 -27.42
CA CYS A 57 27.64 24.86 -27.32
C CYS A 57 26.69 24.56 -26.18
N ASP A 58 26.36 25.60 -25.41
CA ASP A 58 25.47 25.46 -24.25
C ASP A 58 24.16 26.20 -24.43
N VAL A 59 23.70 26.38 -25.66
CA VAL A 59 22.42 27.04 -25.92
C VAL A 59 21.30 26.04 -25.71
N THR A 60 20.40 26.35 -24.78
CA THR A 60 19.25 25.51 -24.46
C THR A 60 17.92 26.25 -24.60
N ASP A 61 17.94 27.54 -24.95
CA ASP A 61 16.72 28.32 -25.11
C ASP A 61 16.06 27.99 -26.43
N VAL A 62 14.84 27.41 -26.35
CA VAL A 62 14.18 26.88 -27.55
C VAL A 62 13.87 27.99 -28.54
N THR A 63 13.68 29.22 -28.07
CA THR A 63 13.44 30.33 -28.99
C THR A 63 14.68 30.72 -29.77
N GLN A 64 15.84 30.13 -29.44
CA GLN A 64 17.09 30.39 -30.13
C GLN A 64 17.60 29.15 -30.87
N LEU A 65 16.74 28.16 -31.08
CA LEU A 65 17.16 26.89 -31.65
C LEU A 65 16.42 26.61 -32.95
N TYR A 66 17.07 25.83 -33.82
CA TYR A 66 16.59 25.55 -35.16
C TYR A 66 16.75 24.07 -35.44
N LEU A 67 15.86 23.54 -36.29
CA LEU A 67 15.96 22.17 -36.76
C LEU A 67 16.79 22.17 -38.03
N GLY A 68 17.93 21.49 -38.00
CA GLY A 68 18.75 21.32 -39.18
C GLY A 68 19.04 19.85 -39.43
N GLY A 69 18.56 19.32 -40.54
CA GLY A 69 18.57 17.87 -40.68
C GLY A 69 17.65 17.26 -39.65
N MET A 70 18.16 16.31 -38.90
CA MET A 70 17.42 15.69 -37.82
C MET A 70 17.87 16.19 -36.44
N SER A 71 18.71 17.23 -36.40
CA SER A 71 19.30 17.69 -35.16
C SER A 71 18.99 19.17 -34.93
N TYR A 72 19.40 19.68 -33.78
CA TYR A 72 19.05 21.03 -33.35
C TYR A 72 20.31 21.86 -33.16
N TYR A 73 20.25 23.12 -33.60
CA TYR A 73 21.41 23.99 -33.59
C TYR A 73 20.93 25.40 -33.29
N CYS A 74 21.83 26.19 -32.68
CA CYS A 74 21.58 27.60 -32.44
C CYS A 74 21.85 28.39 -33.73
N LYS A 75 21.67 29.72 -33.64
CA LYS A 75 21.87 30.57 -34.79
C LYS A 75 23.31 30.56 -35.29
N SER A 76 24.28 30.37 -34.37
CA SER A 76 25.68 30.39 -34.74
C SER A 76 26.17 29.08 -35.36
N HIS A 77 25.40 28.00 -35.20
CA HIS A 77 25.81 26.66 -35.65
C HIS A 77 24.86 26.03 -36.67
N LYS A 78 23.72 26.66 -36.95
CA LYS A 78 22.72 26.03 -37.77
C LYS A 78 23.15 25.97 -39.24
N PRO A 79 22.78 24.91 -39.94
CA PRO A 79 23.11 24.78 -41.36
C PRO A 79 22.25 25.73 -42.19
N PRO A 80 22.61 25.98 -43.45
CA PRO A 80 21.79 26.91 -44.25
C PRO A 80 20.34 26.45 -44.39
N ILE A 81 20.11 25.15 -44.57
CA ILE A 81 18.75 24.61 -44.66
C ILE A 81 18.31 24.27 -43.25
N SER A 82 17.65 25.23 -42.60
CA SER A 82 17.15 25.07 -41.24
C SER A 82 15.80 25.75 -41.11
N PHE A 83 15.07 25.37 -40.07
CA PHE A 83 13.80 25.96 -39.71
C PHE A 83 13.82 26.25 -38.22
N PRO A 84 13.29 27.40 -37.79
CA PRO A 84 13.26 27.68 -36.35
C PRO A 84 12.31 26.73 -35.62
N LEU A 85 12.73 26.30 -34.44
CA LEU A 85 11.86 25.46 -33.63
C LEU A 85 10.62 26.22 -33.18
N CYS A 86 10.76 27.51 -32.90
CA CYS A 86 9.63 28.36 -32.52
C CYS A 86 9.23 29.20 -33.72
N ALA A 87 8.03 28.95 -34.24
CA ALA A 87 7.53 29.67 -35.40
C ALA A 87 6.04 29.45 -35.53
N ASN A 88 5.34 30.43 -36.11
CA ASN A 88 3.91 30.34 -36.39
C ASN A 88 3.11 29.96 -35.14
N GLY A 89 3.49 30.53 -34.01
CA GLY A 89 2.83 30.21 -32.74
C GLY A 89 2.89 28.75 -32.37
N GLN A 90 4.04 28.11 -32.58
CA GLN A 90 4.11 26.66 -32.50
C GLN A 90 5.55 26.23 -32.29
N VAL A 91 5.76 25.23 -31.43
CA VAL A 91 7.07 24.63 -31.21
C VAL A 91 7.10 23.28 -31.93
N PHE A 92 8.12 23.08 -32.77
CA PHE A 92 8.22 21.83 -33.53
C PHE A 92 8.28 20.62 -32.61
N GLY A 93 7.50 19.60 -32.95
CA GLY A 93 7.52 18.35 -32.23
C GLY A 93 6.91 17.26 -33.09
N LEU A 94 6.06 16.43 -32.50
CA LEU A 94 5.29 15.44 -33.24
C LEU A 94 3.82 15.79 -33.11
N TYR A 95 3.02 15.28 -34.04
CA TYR A 95 1.59 15.57 -34.06
C TYR A 95 1.32 17.06 -34.23
N LYS A 96 2.22 17.75 -34.92
CA LYS A 96 2.12 19.20 -35.10
C LYS A 96 0.81 19.63 -35.76
N ASN A 97 0.16 18.74 -36.51
CA ASN A 97 -1.08 19.10 -37.17
C ASN A 97 -2.32 18.82 -36.33
N THR A 98 -2.25 17.79 -35.47
CA THR A 98 -3.39 17.47 -34.60
C THR A 98 -3.59 18.48 -33.48
N CYS A 99 -2.55 19.24 -33.13
CA CYS A 99 -2.60 20.17 -32.00
C CYS A 99 -3.84 21.05 -32.03
N VAL A 100 -4.51 21.15 -30.89
CA VAL A 100 -5.73 21.94 -30.76
C VAL A 100 -5.51 23.27 -30.04
N GLY A 101 -4.47 23.36 -29.20
CA GLY A 101 -4.21 24.60 -28.49
C GLY A 101 -5.18 24.78 -27.34
N SER A 102 -5.09 25.93 -26.67
CA SER A 102 -5.93 26.19 -25.53
C SER A 102 -5.93 27.68 -25.24
N ASP A 103 -7.01 28.15 -24.64
CA ASP A 103 -7.19 29.56 -24.31
C ASP A 103 -6.83 29.87 -22.87
N ASN A 104 -6.40 28.86 -22.10
CA ASN A 104 -6.10 29.02 -20.69
C ASN A 104 -4.60 28.94 -20.40
N VAL A 105 -3.77 29.27 -21.40
CA VAL A 105 -2.33 29.17 -21.22
C VAL A 105 -1.83 30.23 -20.25
N THR A 106 -2.50 31.38 -20.18
CA THR A 106 -2.11 32.40 -19.22
C THR A 106 -2.31 31.92 -17.79
N ASP A 107 -3.34 31.11 -17.55
CA ASP A 107 -3.49 30.46 -16.25
C ASP A 107 -2.37 29.46 -16.02
N PHE A 108 -2.08 28.63 -17.02
CA PHE A 108 -0.99 27.67 -16.89
C PHE A 108 0.32 28.37 -16.54
N ASN A 109 0.62 29.45 -17.24
CA ASN A 109 1.89 30.15 -17.04
C ASN A 109 2.03 30.67 -15.62
N ALA A 110 0.95 31.18 -15.04
CA ALA A 110 1.00 31.65 -13.66
C ALA A 110 1.16 30.49 -12.69
N ILE A 111 0.43 29.41 -12.90
CA ILE A 111 0.56 28.23 -12.05
C ILE A 111 1.97 27.66 -12.13
N ALA A 112 2.55 27.62 -13.34
CA ALA A 112 3.84 26.98 -13.54
C ALA A 112 5.01 27.81 -13.00
N THR A 113 4.83 29.11 -12.80
CA THR A 113 5.92 29.99 -12.41
C THR A 113 5.79 30.57 -11.01
N CYS A 114 4.67 30.33 -10.31
CA CYS A 114 4.51 30.96 -9.02
C CYS A 114 5.26 30.19 -7.94
N ASP A 115 5.42 30.81 -6.76
CA ASP A 115 6.11 30.17 -5.65
C ASP A 115 5.19 29.76 -4.50
N TRP A 116 3.88 29.93 -4.64
CA TRP A 116 2.88 29.43 -3.70
C TRP A 116 2.89 30.13 -2.35
N THR A 117 3.47 31.34 -2.29
CA THR A 117 3.47 32.14 -1.07
C THR A 117 2.32 33.13 -1.00
N ASN A 118 1.58 33.34 -2.09
CA ASN A 118 0.50 34.32 -2.18
C ASN A 118 -0.84 33.60 -2.28
N ALA A 119 -1.85 34.18 -1.63
CA ALA A 119 -3.19 33.57 -1.70
C ALA A 119 -3.70 33.54 -3.14
N GLY A 120 -3.29 34.52 -3.96
CA GLY A 120 -3.72 34.54 -5.35
C GLY A 120 -3.30 33.31 -6.13
N ASP A 121 -2.21 32.65 -5.73
CA ASP A 121 -1.80 31.42 -6.40
C ASP A 121 -2.79 30.30 -6.14
N TYR A 122 -3.32 30.24 -4.92
CA TYR A 122 -4.29 29.21 -4.57
C TYR A 122 -5.65 29.52 -5.17
N ILE A 123 -5.97 30.79 -5.35
CA ILE A 123 -7.24 31.15 -5.98
C ILE A 123 -7.26 30.65 -7.41
N LEU A 124 -6.19 30.91 -8.15
CA LEU A 124 -6.10 30.43 -9.53
C LEU A 124 -6.09 28.90 -9.58
N ALA A 125 -5.43 28.26 -8.62
CA ALA A 125 -5.40 26.80 -8.60
C ALA A 125 -6.78 26.18 -8.42
N ASN A 126 -7.79 26.96 -8.03
CA ASN A 126 -9.13 26.43 -7.81
C ASN A 126 -10.19 26.99 -8.75
N THR A 127 -9.85 27.97 -9.60
CA THR A 127 -10.80 28.55 -10.53
C THR A 127 -10.48 28.21 -11.98
N CYS A 128 -9.53 27.30 -12.22
CA CYS A 128 -9.07 26.94 -13.55
C CYS A 128 -9.80 25.69 -14.02
N THR A 129 -9.40 25.17 -15.17
CA THR A 129 -9.99 23.94 -15.68
C THR A 129 -9.51 22.74 -14.88
N GLU A 130 -10.23 21.63 -15.01
CA GLU A 130 -9.97 20.45 -14.20
C GLU A 130 -8.55 19.93 -14.42
N ARG A 131 -8.11 19.85 -15.67
CA ARG A 131 -6.75 19.41 -15.95
C ARG A 131 -5.72 20.33 -15.30
N LEU A 132 -5.99 21.64 -15.29
CA LEU A 132 -5.07 22.58 -14.66
C LEU A 132 -5.10 22.46 -13.14
N LYS A 133 -6.27 22.13 -12.55
CA LYS A 133 -6.34 21.93 -11.11
C LYS A 133 -5.38 20.82 -10.70
N LEU A 134 -5.30 19.75 -11.49
CA LEU A 134 -4.40 18.65 -11.15
C LEU A 134 -2.95 19.08 -11.28
N PHE A 135 -2.62 19.76 -12.38
CA PHE A 135 -1.25 20.26 -12.54
C PHE A 135 -0.87 21.17 -11.38
N ALA A 136 -1.78 22.05 -10.97
CA ALA A 136 -1.48 22.94 -9.86
C ALA A 136 -1.30 22.18 -8.55
N ALA A 137 -2.10 21.13 -8.33
CA ALA A 137 -2.03 20.42 -7.06
C ALA A 137 -0.70 19.69 -6.96
N GLU A 138 -0.30 19.03 -8.06
CA GLU A 138 0.96 18.29 -8.10
C GLU A 138 2.14 19.25 -7.94
N THR A 139 2.06 20.42 -8.59
CA THR A 139 3.16 21.38 -8.56
C THR A 139 3.31 22.00 -7.18
N LEU A 140 2.19 22.35 -6.54
CA LEU A 140 2.23 22.88 -5.19
C LEU A 140 2.81 21.85 -4.22
N LYS A 141 2.34 20.61 -4.31
CA LYS A 141 2.82 19.61 -3.37
C LYS A 141 4.31 19.37 -3.53
N ALA A 142 4.77 19.37 -4.79
CA ALA A 142 6.21 19.23 -5.06
C ALA A 142 6.99 20.38 -4.46
N THR A 143 6.46 21.60 -4.55
CA THR A 143 7.14 22.75 -3.96
C THR A 143 7.17 22.64 -2.44
N GLU A 144 6.06 22.20 -1.84
CA GLU A 144 6.02 22.05 -0.39
C GLU A 144 7.04 21.03 0.09
N GLU A 145 7.16 19.91 -0.63
CA GLU A 145 8.08 18.86 -0.19
C GLU A 145 9.53 19.29 -0.36
N THR A 146 9.87 19.91 -1.49
CA THR A 146 11.25 20.34 -1.70
C THR A 146 11.67 21.41 -0.69
N PHE A 147 10.74 22.28 -0.31
CA PHE A 147 11.06 23.33 0.64
C PHE A 147 11.38 22.78 2.02
N LYS A 148 10.89 21.57 2.33
CA LYS A 148 11.17 20.96 3.62
C LYS A 148 12.62 20.54 3.78
N LEU A 149 13.39 20.52 2.70
CA LEU A 149 14.83 20.22 2.76
C LEU A 149 15.65 21.44 3.17
N SER A 150 15.03 22.62 3.22
CA SER A 150 15.74 23.85 3.55
C SER A 150 15.86 24.10 5.04
N TYR A 151 15.18 23.33 5.87
CA TYR A 151 15.23 23.55 7.31
C TYR A 151 16.46 22.86 7.91
N GLY A 152 16.92 23.40 9.04
CA GLY A 152 18.07 22.84 9.70
C GLY A 152 17.76 21.58 10.48
N ILE A 153 18.77 20.74 10.64
CA ILE A 153 18.65 19.49 11.38
C ILE A 153 18.81 19.80 12.87
N ALA A 154 18.08 19.05 13.69
CA ALA A 154 18.12 19.18 15.15
C ALA A 154 18.77 17.94 15.75
N THR A 155 19.81 18.15 16.55
CA THR A 155 20.58 17.07 17.16
C THR A 155 20.52 17.18 18.69
N VAL A 156 20.30 16.04 19.34
CA VAL A 156 20.10 16.00 20.78
C VAL A 156 21.44 16.26 21.48
N ARG A 157 21.47 17.32 22.31
CA ARG A 157 22.67 17.62 23.09
C ARG A 157 22.64 16.96 24.46
N GLU A 158 21.47 16.93 25.10
CA GLU A 158 21.30 16.26 26.39
C GLU A 158 19.82 15.99 26.61
N VAL A 159 19.54 14.90 27.32
CA VAL A 159 18.16 14.46 27.59
C VAL A 159 17.85 14.74 29.05
N LEU A 160 16.85 15.59 29.29
CA LEU A 160 16.50 16.01 30.64
C LEU A 160 15.51 15.07 31.32
N SER A 161 14.69 14.36 30.56
CA SER A 161 13.65 13.50 31.13
C SER A 161 13.08 12.64 30.02
N ASP A 162 12.00 11.91 30.34
CA ASP A 162 11.31 11.10 29.33
C ASP A 162 10.50 11.96 28.36
N ARG A 163 10.39 13.28 28.60
CA ARG A 163 9.55 14.14 27.78
C ARG A 163 10.16 15.51 27.51
N GLU A 164 11.41 15.77 27.93
CA GLU A 164 12.05 17.05 27.71
C GLU A 164 13.52 16.84 27.40
N LEU A 165 14.08 17.68 26.52
CA LEU A 165 15.47 17.57 26.13
C LEU A 165 15.97 18.93 25.63
N HIS A 166 17.27 19.01 25.34
CA HIS A 166 17.90 20.19 24.80
C HIS A 166 18.42 19.86 23.40
N LEU A 167 18.17 20.75 22.43
CA LEU A 167 18.47 20.49 21.04
C LEU A 167 19.53 21.46 20.52
N SER A 168 20.33 20.98 19.58
CA SER A 168 21.26 21.81 18.82
C SER A 168 20.77 21.88 17.38
N TRP A 169 20.72 23.08 16.82
CA TRP A 169 20.17 23.32 15.50
C TRP A 169 21.30 23.67 14.53
N GLU A 170 21.30 23.01 13.37
CA GLU A 170 22.31 23.26 12.34
C GLU A 170 22.37 24.74 12.00
N VAL A 171 23.58 25.30 12.03
CA VAL A 171 23.79 26.71 11.75
C VAL A 171 23.70 26.94 10.25
N GLY A 172 23.16 28.10 9.87
CA GLY A 172 23.01 28.46 8.48
C GLY A 172 21.66 28.15 7.86
N LYS A 173 20.87 27.28 8.49
CA LYS A 173 19.56 26.91 7.99
C LYS A 173 18.49 27.34 8.98
N PRO A 174 17.31 27.71 8.50
CA PRO A 174 16.24 28.16 9.40
C PRO A 174 15.65 26.99 10.17
N ARG A 175 14.99 27.33 11.28
CA ARG A 175 14.40 26.34 12.18
C ARG A 175 12.92 26.18 11.89
N PRO A 176 12.42 24.95 11.88
CA PRO A 176 10.98 24.74 11.74
C PRO A 176 10.26 25.15 13.01
N PRO A 177 9.00 25.58 12.91
CA PRO A 177 8.22 25.85 14.12
C PRO A 177 8.05 24.59 14.94
N LEU A 178 8.11 24.76 16.27
CA LEU A 178 8.01 23.62 17.19
C LEU A 178 6.55 23.50 17.64
N ASN A 179 5.79 22.72 16.87
CA ASN A 179 4.38 22.45 17.20
C ASN A 179 4.04 21.05 16.71
N ARG A 180 2.81 20.63 17.00
CA ARG A 180 2.37 19.28 16.67
C ARG A 180 2.02 19.11 15.20
N ASN A 181 2.20 20.15 14.38
CA ASN A 181 2.03 20.04 12.94
C ASN A 181 3.30 19.61 12.23
N TYR A 182 4.46 19.98 12.77
CA TYR A 182 5.76 19.68 12.15
C TYR A 182 6.27 18.37 12.74
N VAL A 183 6.08 17.28 12.00
CA VAL A 183 6.50 15.96 12.44
C VAL A 183 7.90 15.67 11.90
N PHE A 184 8.81 15.30 12.80
CA PHE A 184 10.18 14.99 12.44
C PHE A 184 10.38 13.48 12.51
N THR A 185 11.30 12.99 11.69
CA THR A 185 11.69 11.58 11.73
C THR A 185 13.03 11.49 12.44
N GLY A 186 13.10 10.61 13.43
CA GLY A 186 14.30 10.48 14.23
C GLY A 186 15.22 9.38 13.73
N TYR A 187 16.52 9.59 13.94
CA TYR A 187 17.53 8.60 13.58
C TYR A 187 18.62 8.57 14.65
N GLN A 196 16.07 4.59 11.96
CA GLN A 196 14.83 5.35 12.07
C GLN A 196 14.12 5.07 13.39
N ILE A 197 14.41 5.90 14.41
CA ILE A 197 13.84 5.67 15.74
C ILE A 197 12.36 5.99 15.82
N GLY A 198 11.77 6.54 14.76
CA GLY A 198 10.36 6.85 14.71
C GLY A 198 10.11 8.33 14.61
N GLU A 199 8.83 8.68 14.51
CA GLU A 199 8.44 10.07 14.35
C GLU A 199 8.35 10.79 15.69
N TYR A 200 8.70 12.07 15.68
CA TYR A 200 8.75 12.88 16.89
C TYR A 200 8.17 14.26 16.62
N THR A 201 7.53 14.82 17.64
CA THR A 201 7.07 16.20 17.63
C THR A 201 7.67 16.92 18.82
N PHE A 202 7.88 18.22 18.68
CA PHE A 202 8.52 19.02 19.73
C PHE A 202 7.71 20.27 20.00
N GLU A 203 7.81 20.76 21.24
CA GLU A 203 7.17 22.01 21.67
C GLU A 203 8.03 22.63 22.77
N LYS A 204 7.94 23.96 22.89
CA LYS A 204 8.63 24.66 23.97
C LYS A 204 7.85 24.59 25.27
N ASP A 209 17.21 26.66 26.71
CA ASP A 209 15.96 26.31 27.38
C ASP A 209 15.58 24.91 26.92
N ALA A 210 14.49 24.35 27.45
CA ALA A 210 14.13 22.96 27.18
C ALA A 210 13.00 22.85 26.17
N VAL A 211 13.02 21.77 25.40
CA VAL A 211 11.96 21.45 24.44
C VAL A 211 11.26 20.17 24.91
N VAL A 212 9.94 20.18 24.86
CA VAL A 212 9.15 18.98 25.18
C VAL A 212 9.05 18.12 23.93
N TYR A 213 9.40 16.84 24.06
CA TYR A 213 9.38 15.92 22.93
C TYR A 213 8.35 14.83 23.14
N ARG A 214 7.79 14.36 22.04
CA ARG A 214 6.81 13.28 22.05
C ARG A 214 7.07 12.38 20.85
N GLY A 215 7.23 11.08 21.12
CA GLY A 215 7.45 10.13 20.06
C GLY A 215 6.33 9.11 19.94
N THR A 216 6.21 8.48 18.78
CA THR A 216 5.20 7.44 18.61
C THR A 216 5.45 6.28 19.57
N THR A 217 6.71 5.93 19.77
CA THR A 217 7.10 4.85 20.66
C THR A 217 8.14 5.36 21.63
N THR A 218 8.19 4.74 22.81
CA THR A 218 9.28 5.04 23.73
C THR A 218 10.58 4.50 23.16
N TYR A 219 11.64 5.29 23.25
CA TYR A 219 12.94 4.87 22.76
C TYR A 219 14.01 5.56 23.58
N LYS A 220 15.16 4.89 23.70
CA LYS A 220 16.29 5.44 24.45
C LYS A 220 17.03 6.41 23.53
N LEU A 221 16.84 7.70 23.77
CA LEU A 221 17.39 8.75 22.92
C LEU A 221 18.78 9.10 23.41
N ASN A 222 19.78 8.87 22.55
CA ASN A 222 21.17 9.12 22.88
C ASN A 222 21.61 10.48 22.37
N VAL A 223 22.70 10.99 22.95
CA VAL A 223 23.33 12.20 22.44
C VAL A 223 23.84 11.91 21.03
N GLY A 224 23.51 12.80 20.10
CA GLY A 224 23.88 12.64 18.71
C GLY A 224 22.74 12.25 17.81
N ASP A 225 21.70 11.61 18.37
CA ASP A 225 20.51 11.31 17.58
C ASP A 225 20.01 12.59 16.92
N TYR A 226 19.43 12.47 15.73
CA TYR A 226 19.02 13.64 14.97
C TYR A 226 17.58 13.48 14.48
N PHE A 227 16.97 14.62 14.17
CA PHE A 227 15.60 14.67 13.67
C PHE A 227 15.57 15.55 12.43
N VAL A 228 14.84 15.09 11.42
CA VAL A 228 14.70 15.79 10.15
C VAL A 228 13.24 15.76 9.74
N LEU A 229 12.78 16.83 9.08
CA LEU A 229 11.46 16.82 8.47
C LEU A 229 11.46 15.86 7.28
N THR A 230 10.40 15.08 7.16
CA THR A 230 10.34 14.00 6.18
C THR A 230 9.74 14.53 4.88
N SER A 231 10.57 14.64 3.84
CA SER A 231 10.12 15.06 2.52
C SER A 231 9.54 13.86 1.77
N HIS A 232 8.23 13.86 1.57
CA HIS A 232 7.55 12.78 0.88
C HIS A 232 7.64 12.98 -0.64
N THR A 233 8.00 11.93 -1.37
CA THR A 233 8.00 12.03 -2.82
C THR A 233 6.56 12.28 -3.29
N VAL A 234 6.42 12.97 -4.42
CA VAL A 234 5.10 13.36 -4.92
C VAL A 234 4.80 12.61 -6.20
N MET A 235 3.68 11.87 -6.20
CA MET A 235 3.25 11.07 -7.33
C MET A 235 2.34 11.87 -8.23
N PRO A 236 2.33 11.57 -9.53
CA PRO A 236 1.44 12.27 -10.44
C PRO A 236 -0.02 11.96 -10.16
N LEU A 237 -0.88 12.94 -10.46
CA LEU A 237 -2.32 12.77 -10.39
C LEU A 237 -2.86 12.38 -11.76
N SER A 238 -3.95 11.63 -11.77
CA SER A 238 -4.61 11.25 -13.01
C SER A 238 -6.11 11.48 -12.97
N ALA A 239 -6.76 11.21 -11.86
CA ALA A 239 -8.21 11.37 -11.78
C ALA A 239 -8.57 12.82 -11.47
N PRO A 240 -9.75 13.26 -11.89
CA PRO A 240 -10.18 14.63 -11.55
C PRO A 240 -10.47 14.78 -10.07
N THR A 241 -10.54 16.04 -9.63
CA THR A 241 -10.94 16.29 -8.24
C THR A 241 -12.38 15.89 -8.01
N LEU A 242 -13.24 16.03 -9.01
CA LEU A 242 -14.60 15.54 -8.96
C LEU A 242 -14.91 14.85 -10.27
N VAL A 243 -15.54 13.68 -10.21
CA VAL A 243 -15.94 12.99 -11.45
C VAL A 243 -17.00 13.85 -12.12
N PRO A 244 -17.21 13.72 -13.42
CA PRO A 244 -18.31 14.45 -14.05
C PRO A 244 -19.63 14.04 -13.40
N GLN A 245 -20.49 15.04 -13.16
CA GLN A 245 -21.74 14.80 -12.48
C GLN A 245 -22.70 14.03 -13.38
N GLU A 246 -23.51 13.18 -12.78
CA GLU A 246 -24.59 12.49 -13.45
C GLU A 246 -25.84 12.60 -12.58
N HIS A 247 -27.00 12.78 -13.21
CA HIS A 247 -28.27 12.75 -12.52
C HIS A 247 -29.09 11.60 -13.10
N TYR A 248 -29.70 10.82 -12.22
CA TYR A 248 -30.44 9.63 -12.59
C TYR A 248 -31.94 9.85 -12.35
N VAL A 249 -32.76 9.09 -13.08
CA VAL A 249 -34.20 9.17 -12.92
C VAL A 249 -34.70 8.37 -11.73
N ARG A 250 -33.86 7.53 -11.15
CA ARG A 250 -34.23 6.71 -10.01
C ARG A 250 -32.96 6.37 -9.24
N ILE A 251 -33.15 5.80 -8.05
CA ILE A 251 -32.02 5.37 -7.24
C ILE A 251 -31.24 4.31 -8.02
N THR A 252 -29.94 4.54 -8.19
CA THR A 252 -29.10 3.75 -9.08
C THR A 252 -28.06 2.99 -8.27
N GLY A 253 -27.97 1.68 -8.47
CA GLY A 253 -26.98 0.87 -7.81
C GLY A 253 -27.17 0.68 -6.33
N LEU A 254 -28.24 1.22 -5.75
CA LEU A 254 -28.52 1.11 -4.34
C LEU A 254 -29.95 0.60 -4.16
N TYR A 255 -30.21 0.02 -2.99
CA TYR A 255 -31.46 -0.71 -2.74
C TYR A 255 -31.95 -0.33 -1.34
N PRO A 256 -32.92 0.58 -1.26
CA PRO A 256 -33.31 1.10 0.06
C PRO A 256 -33.99 0.06 0.93
N THR A 257 -33.81 0.23 2.23
CA THR A 257 -34.47 -0.64 3.20
C THR A 257 -35.96 -0.37 3.21
N LEU A 258 -36.73 -1.38 3.61
CA LEU A 258 -38.17 -1.21 3.73
C LEU A 258 -38.52 -0.31 4.90
N ASN A 259 -37.89 -0.52 6.05
CA ASN A 259 -38.09 0.33 7.21
C ASN A 259 -36.74 0.65 7.86
N ILE A 260 -36.56 1.91 8.21
CA ILE A 260 -35.37 2.37 8.91
C ILE A 260 -35.82 2.93 10.25
N SER A 261 -34.94 2.83 11.26
CA SER A 261 -35.30 3.31 12.58
C SER A 261 -35.62 4.80 12.53
N ASP A 262 -36.63 5.20 13.30
CA ASP A 262 -37.10 6.59 13.25
C ASP A 262 -36.01 7.57 13.63
N GLU A 263 -34.96 7.12 14.32
CA GLU A 263 -33.85 8.01 14.67
C GLU A 263 -33.18 8.59 13.42
N PHE A 264 -33.25 7.87 12.29
CA PHE A 264 -32.65 8.32 11.06
C PHE A 264 -33.65 8.73 9.98
N SER A 265 -34.95 8.66 10.28
CA SER A 265 -35.97 8.86 9.25
C SER A 265 -35.98 10.30 8.73
N SER A 266 -35.53 11.27 9.55
CA SER A 266 -35.52 12.65 9.10
C SER A 266 -34.52 12.90 7.97
N ASN A 267 -33.68 11.92 7.63
CA ASN A 267 -32.69 12.07 6.57
C ASN A 267 -33.08 11.35 5.28
N VAL A 268 -34.24 10.70 5.23
CA VAL A 268 -34.53 9.79 4.12
C VAL A 268 -34.54 10.52 2.79
N ALA A 269 -35.08 11.74 2.76
CA ALA A 269 -35.10 12.49 1.50
C ALA A 269 -33.69 12.78 1.01
N ASN A 270 -32.78 13.11 1.93
CA ASN A 270 -31.38 13.33 1.56
C ASN A 270 -30.70 12.01 1.16
N TYR A 271 -31.08 10.88 1.77
CA TYR A 271 -30.50 9.61 1.37
C TYR A 271 -30.96 9.23 -0.04
N GLN A 272 -32.21 9.54 -0.38
CA GLN A 272 -32.68 9.27 -1.73
C GLN A 272 -31.93 10.14 -2.74
N LYS A 273 -31.65 11.39 -2.38
CA LYS A 273 -30.92 12.27 -3.29
C LYS A 273 -29.52 11.72 -3.57
N VAL A 274 -28.86 11.18 -2.55
CA VAL A 274 -27.54 10.57 -2.73
C VAL A 274 -27.60 9.49 -3.81
N GLY A 275 -28.63 8.64 -3.77
CA GLY A 275 -28.74 7.57 -4.74
C GLY A 275 -29.11 8.01 -6.14
N MET A 276 -29.56 9.26 -6.31
CA MET A 276 -30.08 9.71 -7.59
C MET A 276 -29.11 10.62 -8.36
N GLN A 277 -27.89 10.78 -7.87
CA GLN A 277 -26.87 11.51 -8.63
C GLN A 277 -25.50 10.92 -8.32
N LYS A 278 -24.54 11.18 -9.20
CA LYS A 278 -23.22 10.60 -9.03
C LYS A 278 -22.55 11.11 -7.76
N TYR A 279 -22.50 12.43 -7.57
CA TYR A 279 -21.88 12.97 -6.38
C TYR A 279 -22.81 13.97 -5.71
N SER A 280 -22.74 14.03 -4.38
CA SER A 280 -23.57 14.94 -3.60
C SER A 280 -22.71 15.61 -2.54
N THR A 281 -23.10 16.85 -2.19
CA THR A 281 -22.40 17.64 -1.19
C THR A 281 -23.34 17.94 -0.03
N LEU A 282 -22.85 17.76 1.19
CA LEU A 282 -23.62 18.03 2.41
C LEU A 282 -22.84 19.03 3.27
N GLN A 283 -23.43 20.19 3.50
CA GLN A 283 -22.86 21.12 4.46
C GLN A 283 -23.49 20.88 5.82
N GLY A 284 -22.67 20.56 6.81
CA GLY A 284 -23.13 20.38 8.16
C GLY A 284 -22.36 21.24 9.14
N PRO A 285 -22.99 22.33 9.59
CA PRO A 285 -22.40 23.16 10.64
C PRO A 285 -22.13 22.34 11.89
N PRO A 286 -21.39 22.90 12.84
CA PRO A 286 -21.03 22.15 14.06
C PRO A 286 -22.26 21.61 14.77
N GLY A 287 -22.20 20.32 15.11
CA GLY A 287 -23.21 19.70 15.95
C GLY A 287 -24.56 19.51 15.30
N THR A 288 -24.62 19.49 13.97
CA THR A 288 -25.87 19.35 13.24
C THR A 288 -26.16 17.91 12.82
N GLY A 289 -25.21 16.99 13.01
CA GLY A 289 -25.44 15.58 12.76
C GLY A 289 -24.75 14.99 11.55
N LYS A 290 -23.51 15.40 11.26
CA LYS A 290 -22.82 14.88 10.07
C LYS A 290 -22.52 13.39 10.19
N SER A 291 -21.97 12.96 11.33
CA SER A 291 -21.67 11.55 11.49
C SER A 291 -22.96 10.73 11.50
N HIS A 292 -24.00 11.26 12.17
CA HIS A 292 -25.29 10.58 12.21
C HIS A 292 -25.81 10.39 10.79
N PHE A 293 -25.68 11.43 9.96
CA PHE A 293 -26.08 11.31 8.57
C PHE A 293 -25.28 10.22 7.88
N ALA A 294 -23.96 10.22 8.06
CA ALA A 294 -23.11 9.32 7.27
C ALA A 294 -23.37 7.85 7.63
N ILE A 295 -23.63 7.57 8.89
CA ILE A 295 -23.90 6.20 9.29
C ILE A 295 -25.33 5.83 8.94
N GLY A 296 -26.27 6.78 9.04
CA GLY A 296 -27.62 6.50 8.62
C GLY A 296 -27.70 6.08 7.17
N LEU A 297 -26.76 6.55 6.35
CA LEU A 297 -26.70 6.17 4.95
C LEU A 297 -26.53 4.66 4.80
N ALA A 298 -25.69 4.05 5.64
CA ALA A 298 -25.50 2.61 5.60
C ALA A 298 -26.78 1.87 6.03
N LEU A 299 -27.47 2.39 7.03
CA LEU A 299 -28.71 1.76 7.47
C LEU A 299 -29.79 1.85 6.41
N TYR A 300 -29.83 2.95 5.65
CA TYR A 300 -30.86 3.11 4.62
C TYR A 300 -30.56 2.26 3.38
N TYR A 301 -29.28 2.04 3.07
CA TYR A 301 -28.86 1.14 2.00
C TYR A 301 -28.06 0.00 2.64
N PRO A 302 -28.73 -0.96 3.29
CA PRO A 302 -28.01 -1.92 4.14
C PRO A 302 -27.14 -2.92 3.38
N SER A 303 -27.33 -3.10 2.08
CA SER A 303 -26.47 -3.98 1.31
C SER A 303 -25.34 -3.25 0.61
N ALA A 304 -25.29 -1.92 0.72
CA ALA A 304 -24.26 -1.15 0.03
C ALA A 304 -22.89 -1.29 0.67
N ARG A 305 -21.88 -1.48 -0.16
CA ARG A 305 -20.50 -1.39 0.31
C ARG A 305 -20.12 0.08 0.37
N ILE A 306 -19.67 0.54 1.53
CA ILE A 306 -19.40 1.96 1.77
C ILE A 306 -17.98 2.12 2.31
N VAL A 307 -17.21 2.99 1.67
CA VAL A 307 -15.89 3.38 2.14
C VAL A 307 -16.05 4.76 2.79
N TYR A 308 -15.69 4.85 4.06
CA TYR A 308 -15.72 6.11 4.81
C TYR A 308 -14.28 6.61 4.92
N THR A 309 -14.03 7.81 4.42
CA THR A 309 -12.66 8.32 4.41
C THR A 309 -12.66 9.78 4.83
N ALA A 310 -11.47 10.28 5.14
CA ALA A 310 -11.21 11.65 5.54
C ALA A 310 -9.70 11.81 5.59
N CYS A 311 -9.24 13.07 5.73
CA CYS A 311 -7.80 13.26 5.69
C CYS A 311 -7.11 12.83 6.97
N SER A 312 -7.73 13.05 8.11
CA SER A 312 -7.05 12.83 9.39
C SER A 312 -7.53 11.54 10.05
N HIS A 313 -6.65 10.95 10.87
CA HIS A 313 -7.07 9.76 11.60
C HIS A 313 -8.19 10.10 12.58
N ALA A 314 -8.18 11.30 13.16
CA ALA A 314 -9.21 11.65 14.14
C ALA A 314 -10.59 11.69 13.51
N ALA A 315 -10.68 12.17 12.27
CA ALA A 315 -11.98 12.22 11.59
C ALA A 315 -12.47 10.82 11.26
N VAL A 316 -11.58 9.94 10.77
CA VAL A 316 -11.97 8.55 10.51
C VAL A 316 -12.42 7.88 11.80
N ASP A 317 -11.65 8.08 12.88
CA ASP A 317 -11.97 7.44 14.15
C ASP A 317 -13.35 7.85 14.64
N ALA A 318 -13.74 9.11 14.44
CA ALA A 318 -15.07 9.56 14.85
C ALA A 318 -16.18 8.86 14.08
N LEU A 319 -16.00 8.67 12.76
CA LEU A 319 -16.96 7.88 12.02
C LEU A 319 -17.00 6.44 12.53
N CYS A 320 -15.85 5.92 12.95
CA CYS A 320 -15.81 4.58 13.53
C CYS A 320 -16.62 4.50 14.81
N GLU A 321 -16.47 5.50 15.69
CA GLU A 321 -17.19 5.46 16.97
C GLU A 321 -18.70 5.46 16.74
N LYS A 322 -19.16 6.23 15.76
CA LYS A 322 -20.59 6.23 15.43
C LYS A 322 -21.01 4.89 14.83
N ALA A 323 -20.20 4.34 13.93
CA ALA A 323 -20.54 3.06 13.30
C ALA A 323 -20.61 1.95 14.33
N LEU A 324 -19.74 2.00 15.34
CA LEU A 324 -19.73 0.97 16.37
C LEU A 324 -21.09 0.86 17.06
N LYS A 325 -21.77 1.99 17.25
CA LYS A 325 -23.05 1.95 17.93
C LYS A 325 -24.20 1.47 17.04
N TYR A 326 -24.08 1.60 15.72
CA TYR A 326 -25.20 1.39 14.83
C TYR A 326 -25.00 0.33 13.77
N LEU A 327 -23.76 -0.03 13.44
CA LEU A 327 -23.52 -0.97 12.34
C LEU A 327 -22.98 -2.29 12.88
N PRO A 328 -23.20 -3.39 12.17
CA PRO A 328 -22.68 -4.69 12.65
C PRO A 328 -21.16 -4.68 12.68
N ILE A 329 -20.60 -5.00 13.85
CA ILE A 329 -19.15 -4.86 14.06
C ILE A 329 -18.37 -5.79 13.15
N ASP A 330 -18.93 -6.96 12.81
CA ASP A 330 -18.26 -7.94 11.99
C ASP A 330 -18.11 -7.49 10.53
N LYS A 331 -18.84 -6.46 10.12
CA LYS A 331 -18.80 -5.98 8.74
C LYS A 331 -17.93 -4.74 8.56
N CYS A 332 -17.19 -4.34 9.59
CA CYS A 332 -16.41 -3.11 9.59
C CYS A 332 -14.91 -3.40 9.69
N SER A 333 -14.12 -2.56 9.03
CA SER A 333 -12.68 -2.64 9.20
C SER A 333 -12.07 -1.24 9.21
N ARG A 334 -11.08 -1.05 10.09
CA ARG A 334 -10.28 0.16 10.14
C ARG A 334 -8.97 -0.13 9.41
N ILE A 335 -8.68 0.64 8.37
CA ILE A 335 -7.45 0.44 7.61
C ILE A 335 -6.36 1.32 8.22
N ILE A 336 -5.23 0.71 8.59
CA ILE A 336 -4.15 1.38 9.29
C ILE A 336 -2.84 1.04 8.60
N PRO A 337 -2.08 2.01 8.07
CA PRO A 337 -0.76 1.79 7.47
C PRO A 337 0.21 1.05 8.40
N VAL A 342 0.68 6.12 14.72
CA VAL A 342 -0.22 6.79 15.65
C VAL A 342 -1.34 5.84 16.08
N GLU A 343 -2.08 6.21 17.12
CA GLU A 343 -3.11 5.35 17.70
C GLU A 343 -4.45 5.60 17.01
N CYS A 344 -4.98 4.59 16.36
CA CYS A 344 -6.27 4.66 15.67
C CYS A 344 -7.32 3.85 16.42
N PHE A 345 -8.55 3.93 15.93
CA PHE A 345 -9.65 3.16 16.50
C PHE A 345 -9.26 1.70 16.46
N ASP A 346 -9.53 0.97 17.56
CA ASP A 346 -9.06 -0.40 17.68
C ASP A 346 -10.18 -1.43 17.88
N LYS A 347 -11.44 -1.06 17.75
CA LYS A 347 -12.52 -2.00 18.03
C LYS A 347 -13.01 -2.76 16.81
N PHE A 348 -12.59 -2.38 15.61
CA PHE A 348 -12.92 -3.14 14.41
C PHE A 348 -11.73 -4.03 14.05
N LYS A 349 -12.00 -5.03 13.21
CA LYS A 349 -10.92 -5.79 12.60
C LYS A 349 -10.06 -4.84 11.76
N VAL A 350 -8.74 -5.02 11.83
CA VAL A 350 -7.79 -4.09 11.23
C VAL A 350 -7.32 -4.64 9.89
N ASN A 351 -7.34 -3.78 8.86
CA ASN A 351 -6.75 -4.06 7.54
C ASN A 351 -7.46 -5.19 6.80
N SER A 352 -8.77 -5.31 7.01
CA SER A 352 -9.61 -6.23 6.25
C SER A 352 -10.27 -5.40 5.16
N THR A 353 -9.57 -5.30 4.03
CA THR A 353 -9.96 -4.43 2.92
C THR A 353 -11.30 -4.84 2.30
N LEU A 354 -11.67 -6.12 2.43
CA LEU A 354 -12.84 -6.67 1.77
C LEU A 354 -14.12 -6.55 2.57
N GLU A 355 -14.10 -5.90 3.73
CA GLU A 355 -15.30 -5.82 4.55
C GLU A 355 -16.31 -4.86 3.91
N GLN A 356 -17.58 -5.02 4.30
CA GLN A 356 -18.64 -4.19 3.74
C GLN A 356 -18.42 -2.71 4.05
N TYR A 357 -17.96 -2.39 5.27
CA TYR A 357 -17.71 -1.02 5.69
C TYR A 357 -16.23 -0.86 5.98
N VAL A 358 -15.57 0.05 5.28
CA VAL A 358 -14.12 0.22 5.39
C VAL A 358 -13.89 1.66 5.84
N PHE A 359 -13.04 1.85 6.86
CA PHE A 359 -12.78 3.18 7.41
C PHE A 359 -11.29 3.47 7.25
N CYS A 360 -10.96 4.52 6.51
CA CYS A 360 -9.57 4.70 6.09
C CYS A 360 -9.26 6.15 5.79
N THR A 361 -8.09 6.62 6.23
CA THR A 361 -7.63 7.94 5.78
C THR A 361 -7.28 7.92 4.29
N VAL A 362 -7.34 9.11 3.67
CA VAL A 362 -7.09 9.22 2.23
C VAL A 362 -5.72 8.64 1.86
N ASN A 363 -4.70 8.99 2.65
CA ASN A 363 -3.33 8.58 2.33
C ASN A 363 -3.13 7.06 2.34
N ALA A 364 -4.03 6.32 2.96
CA ALA A 364 -3.88 4.88 3.09
C ALA A 364 -4.90 4.09 2.28
N LEU A 365 -5.67 4.76 1.43
CA LEU A 365 -6.74 4.10 0.71
C LEU A 365 -6.20 3.00 -0.18
N PRO A 366 -6.74 1.79 -0.12
CA PRO A 366 -6.41 0.78 -1.14
C PRO A 366 -7.19 1.07 -2.41
N GLU A 367 -6.74 0.45 -3.49
CA GLU A 367 -7.45 0.52 -4.76
C GLU A 367 -8.60 -0.47 -4.70
N THR A 368 -9.84 0.03 -4.56
CA THR A 368 -10.99 -0.85 -4.47
C THR A 368 -12.18 -0.16 -5.12
N THR A 369 -13.32 -0.83 -5.08
CA THR A 369 -14.58 -0.31 -5.58
C THR A 369 -15.56 -0.23 -4.42
N ALA A 370 -16.60 0.57 -4.59
CA ALA A 370 -17.61 0.75 -3.55
C ALA A 370 -18.92 1.17 -4.19
N ASP A 371 -20.00 0.94 -3.45
CA ASP A 371 -21.29 1.47 -3.87
C ASP A 371 -21.40 2.94 -3.49
N ILE A 372 -20.87 3.32 -2.33
CA ILE A 372 -20.83 4.71 -1.89
C ILE A 372 -19.46 4.98 -1.25
N VAL A 373 -18.87 6.12 -1.59
CA VAL A 373 -17.74 6.67 -0.87
C VAL A 373 -18.22 7.89 -0.11
N VAL A 374 -17.96 7.90 1.20
CA VAL A 374 -18.26 9.05 2.05
C VAL A 374 -16.95 9.71 2.44
N PHE A 375 -16.76 10.97 2.04
CA PHE A 375 -15.54 11.72 2.33
C PHE A 375 -15.93 12.82 3.30
N ASP A 376 -15.51 12.69 4.56
CA ASP A 376 -15.88 13.61 5.62
C ASP A 376 -14.79 14.66 5.87
N GLU A 377 -15.15 15.70 6.64
CA GLU A 377 -14.24 16.82 6.96
C GLU A 377 -13.67 17.43 5.69
N ILE A 378 -14.57 17.75 4.75
CA ILE A 378 -14.15 18.20 3.43
C ILE A 378 -13.42 19.53 3.44
N SER A 379 -13.69 20.40 4.41
CA SER A 379 -12.95 21.67 4.46
C SER A 379 -11.45 21.45 4.59
N MET A 380 -11.03 20.33 5.22
CA MET A 380 -9.61 20.03 5.44
C MET A 380 -8.95 19.34 4.25
N ALA A 381 -9.69 18.96 3.23
CA ALA A 381 -9.08 18.29 2.08
C ALA A 381 -8.47 19.31 1.12
N THR A 382 -7.43 18.88 0.42
CA THR A 382 -6.86 19.62 -0.71
C THR A 382 -7.30 18.97 -2.02
N ASN A 383 -7.10 19.68 -3.12
CA ASN A 383 -7.41 19.10 -4.42
C ASN A 383 -6.57 17.86 -4.69
N TYR A 384 -5.36 17.80 -4.15
CA TYR A 384 -4.57 16.58 -4.30
C TYR A 384 -5.29 15.38 -3.65
N ASP A 385 -5.84 15.58 -2.45
CA ASP A 385 -6.59 14.53 -1.77
C ASP A 385 -7.82 14.10 -2.58
N LEU A 386 -8.57 15.06 -3.10
CA LEU A 386 -9.76 14.73 -3.86
C LEU A 386 -9.41 13.88 -5.08
N SER A 387 -8.32 14.22 -5.76
CA SER A 387 -7.90 13.44 -6.92
C SER A 387 -7.49 12.04 -6.53
N VAL A 388 -6.75 11.90 -5.42
CA VAL A 388 -6.31 10.57 -4.97
C VAL A 388 -7.53 9.69 -4.69
N VAL A 389 -8.53 10.24 -4.01
CA VAL A 389 -9.74 9.46 -3.71
C VAL A 389 -10.37 8.94 -4.99
N ASN A 390 -10.54 9.80 -6.00
CA ASN A 390 -11.14 9.33 -7.25
C ASN A 390 -10.25 8.33 -7.98
N ALA A 391 -8.93 8.48 -7.89
CA ALA A 391 -8.05 7.52 -8.55
C ALA A 391 -8.11 6.16 -7.88
N ARG A 392 -8.23 6.12 -6.56
CA ARG A 392 -8.18 4.85 -5.84
C ARG A 392 -9.54 4.19 -5.66
N LEU A 393 -10.61 4.97 -5.53
CA LEU A 393 -11.93 4.47 -5.18
C LEU A 393 -12.85 4.67 -6.39
N ARG A 394 -13.23 3.57 -7.02
CA ARG A 394 -14.20 3.59 -8.11
C ARG A 394 -15.57 3.29 -7.50
N ALA A 395 -16.40 4.32 -7.42
CA ALA A 395 -17.65 4.22 -6.68
C ALA A 395 -18.83 4.59 -7.55
N LYS A 396 -19.98 4.03 -7.23
CA LYS A 396 -21.21 4.40 -7.92
C LYS A 396 -21.72 5.77 -7.46
N HIS A 397 -21.45 6.14 -6.21
CA HIS A 397 -21.86 7.41 -5.63
C HIS A 397 -20.77 7.95 -4.69
N TYR A 398 -20.62 9.27 -4.68
CA TYR A 398 -19.68 9.97 -3.82
C TYR A 398 -20.43 11.01 -2.99
N VAL A 399 -20.23 11.00 -1.68
CA VAL A 399 -20.87 11.95 -0.76
C VAL A 399 -19.77 12.72 -0.05
N TYR A 400 -19.76 14.04 -0.25
CA TYR A 400 -18.79 14.92 0.39
C TYR A 400 -19.45 15.64 1.55
N ILE A 401 -18.90 15.46 2.74
CA ILE A 401 -19.50 16.00 3.95
C ILE A 401 -18.52 16.97 4.60
N GLY A 402 -19.00 18.15 4.92
CA GLY A 402 -18.14 19.04 5.69
C GLY A 402 -18.79 20.37 5.85
N ASP A 403 -17.95 21.39 6.03
CA ASP A 403 -18.44 22.72 6.30
C ASP A 403 -17.39 23.75 5.88
N PRO A 404 -17.61 24.48 4.78
CA PRO A 404 -16.64 25.51 4.38
C PRO A 404 -16.51 26.65 5.40
N ALA A 405 -17.37 26.74 6.39
CA ALA A 405 -17.18 27.74 7.45
C ALA A 405 -16.25 27.25 8.56
N GLN A 406 -15.67 26.07 8.42
CA GLN A 406 -14.70 25.58 9.40
C GLN A 406 -13.30 25.65 8.79
N LEU A 407 -12.36 24.98 9.42
CA LEU A 407 -10.99 25.32 9.10
C LEU A 407 -10.45 24.47 7.95
N PRO A 408 -9.49 25.02 7.20
CA PRO A 408 -8.86 24.28 6.09
C PRO A 408 -7.55 23.62 6.52
N ALA A 409 -6.98 22.78 5.67
CA ALA A 409 -5.64 22.26 5.93
C ALA A 409 -4.64 23.41 5.89
N PRO A 410 -3.64 23.42 6.77
CA PRO A 410 -2.63 24.47 6.69
C PRO A 410 -1.88 24.40 5.36
N ARG A 411 -1.65 25.57 4.77
CA ARG A 411 -0.82 25.70 3.58
C ARG A 411 0.50 26.28 4.06
N THR A 412 1.52 25.43 4.16
CA THR A 412 2.74 25.83 4.85
C THR A 412 3.49 26.93 4.11
N LEU A 413 3.31 27.05 2.79
CA LEU A 413 4.05 28.05 2.03
C LEU A 413 3.34 29.40 1.98
N LEU A 414 2.06 29.44 2.26
CA LEU A 414 1.25 30.65 2.10
C LEU A 414 1.54 31.60 3.25
N THR A 415 2.08 32.77 2.92
CA THR A 415 2.33 33.81 3.91
C THR A 415 1.67 35.14 3.58
N LYS A 416 1.25 35.37 2.34
CA LYS A 416 0.71 36.65 1.90
C LYS A 416 -0.75 36.47 1.49
N GLY A 417 -1.65 37.09 2.24
CA GLY A 417 -3.06 37.00 1.96
C GLY A 417 -3.74 35.88 2.73
N THR A 418 -5.06 35.95 2.76
CA THR A 418 -5.87 34.94 3.44
C THR A 418 -6.63 34.13 2.40
N LEU A 419 -6.75 32.85 2.66
CA LEU A 419 -7.41 31.92 1.75
C LEU A 419 -8.87 31.81 2.16
N GLU A 420 -9.76 32.30 1.29
CA GLU A 420 -11.19 32.24 1.55
C GLU A 420 -11.74 30.84 1.31
N PRO A 421 -12.86 30.51 1.95
CA PRO A 421 -13.41 29.14 1.85
C PRO A 421 -13.73 28.68 0.45
N GLU A 422 -14.12 29.58 -0.45
CA GLU A 422 -14.41 29.12 -1.80
C GLU A 422 -13.18 28.64 -2.56
N TYR A 423 -11.99 28.78 -1.98
CA TYR A 423 -10.75 28.34 -2.63
C TYR A 423 -10.07 27.22 -1.85
N PHE A 424 -10.75 26.65 -0.85
CA PHE A 424 -10.16 25.53 -0.10
C PHE A 424 -9.91 24.34 -1.02
N ASN A 425 -10.90 23.99 -1.83
CA ASN A 425 -10.81 22.85 -2.75
C ASN A 425 -12.05 22.89 -3.63
N SER A 426 -12.13 21.95 -4.58
CA SER A 426 -13.20 21.94 -5.57
C SER A 426 -14.58 21.80 -4.93
N VAL A 427 -14.68 21.08 -3.82
CA VAL A 427 -15.97 20.83 -3.18
C VAL A 427 -16.42 22.06 -2.41
N CYS A 428 -15.51 22.65 -1.63
CA CYS A 428 -15.84 23.90 -0.94
C CYS A 428 -16.24 24.97 -1.92
N ARG A 429 -15.55 25.02 -3.06
CA ARG A 429 -15.91 25.98 -4.09
C ARG A 429 -17.36 25.80 -4.52
N LEU A 430 -17.76 24.56 -4.82
CA LEU A 430 -19.15 24.34 -5.20
C LEU A 430 -20.09 24.75 -4.08
N MET A 431 -19.76 24.39 -2.84
CA MET A 431 -20.65 24.72 -1.73
C MET A 431 -20.81 26.23 -1.56
N LYS A 432 -19.78 26.99 -1.92
CA LYS A 432 -19.81 28.44 -1.76
C LYS A 432 -20.32 29.18 -2.98
N THR A 433 -20.39 28.52 -4.14
CA THR A 433 -20.87 29.19 -5.35
C THR A 433 -22.31 28.77 -5.66
N ILE A 434 -22.51 27.51 -6.06
CA ILE A 434 -23.86 27.07 -6.37
C ILE A 434 -24.61 26.58 -5.14
N GLY A 435 -23.89 26.25 -4.06
CA GLY A 435 -24.53 25.83 -2.83
C GLY A 435 -24.42 24.34 -2.61
N PRO A 436 -24.54 23.90 -1.36
CA PRO A 436 -24.50 22.46 -1.09
C PRO A 436 -25.77 21.79 -1.56
N ASP A 437 -25.65 20.53 -1.97
CA ASP A 437 -26.85 19.75 -2.29
C ASP A 437 -27.75 19.61 -1.08
N MET A 438 -27.18 19.55 0.11
CA MET A 438 -27.92 19.28 1.32
C MET A 438 -27.31 20.11 2.44
N PHE A 439 -28.14 20.48 3.41
CA PHE A 439 -27.71 21.37 4.49
C PHE A 439 -28.41 20.91 5.75
N LEU A 440 -27.63 20.61 6.80
CA LEU A 440 -28.18 20.26 8.11
C LEU A 440 -28.31 21.55 8.91
N GLY A 441 -29.55 21.94 9.21
CA GLY A 441 -29.79 23.29 9.67
C GLY A 441 -30.05 23.50 11.15
N THR A 442 -30.02 22.44 11.96
CA THR A 442 -30.33 22.54 13.39
C THR A 442 -29.12 22.08 14.18
N CYS A 443 -28.50 23.01 14.91
CA CYS A 443 -27.41 22.66 15.80
C CYS A 443 -27.97 22.05 17.09
N ARG A 444 -27.55 20.83 17.39
CA ARG A 444 -28.03 20.13 18.56
C ARG A 444 -27.03 20.15 19.71
N ARG A 445 -25.88 20.79 19.53
CA ARG A 445 -24.85 20.71 20.55
C ARG A 445 -24.75 21.96 21.41
N CYS A 446 -24.88 23.13 20.82
CA CYS A 446 -24.43 24.31 21.56
C CYS A 446 -25.60 25.06 22.19
N PRO A 447 -25.35 25.73 23.31
CA PRO A 447 -26.35 26.67 23.84
C PRO A 447 -26.71 27.70 22.78
N ALA A 448 -27.95 28.19 22.86
CA ALA A 448 -28.49 29.08 21.83
C ALA A 448 -27.65 30.35 21.65
N GLU A 449 -27.00 30.85 22.71
CA GLU A 449 -26.19 32.07 22.58
C GLU A 449 -25.10 31.86 21.54
N ILE A 450 -24.49 30.67 21.53
CA ILE A 450 -23.44 30.38 20.56
C ILE A 450 -24.04 30.23 19.17
N VAL A 451 -25.14 29.47 19.07
CA VAL A 451 -25.71 29.20 17.74
C VAL A 451 -26.09 30.50 17.07
N ASP A 452 -26.74 31.40 17.82
CA ASP A 452 -27.18 32.68 17.26
C ASP A 452 -25.97 33.49 16.78
N THR A 453 -24.89 33.48 17.56
CA THR A 453 -23.67 34.20 17.16
C THR A 453 -23.11 33.67 15.84
N VAL A 454 -22.85 32.35 15.75
CA VAL A 454 -22.23 31.85 14.53
C VAL A 454 -23.22 31.84 13.36
N SER A 455 -24.51 31.67 13.64
CA SER A 455 -25.49 31.70 12.56
C SER A 455 -25.41 33.00 11.79
N ALA A 456 -25.40 34.13 12.51
CA ALA A 456 -25.24 35.43 11.86
C ALA A 456 -23.82 35.62 11.32
N LEU A 457 -22.81 35.04 11.96
CA LEU A 457 -21.43 35.33 11.58
C LEU A 457 -21.07 34.68 10.25
N VAL A 458 -21.43 33.41 10.05
CA VAL A 458 -20.96 32.69 8.87
C VAL A 458 -22.03 31.86 8.17
N TYR A 459 -23.23 31.73 8.75
CA TYR A 459 -24.25 30.88 8.14
C TYR A 459 -25.45 31.65 7.60
N ASP A 460 -25.28 32.95 7.32
CA ASP A 460 -26.34 33.76 6.73
C ASP A 460 -27.67 33.62 7.49
N ASN A 461 -27.58 33.41 8.80
CA ASN A 461 -28.73 33.29 9.69
C ASN A 461 -29.58 32.06 9.44
N LYS A 462 -29.02 31.04 8.79
CA LYS A 462 -29.79 29.85 8.46
C LYS A 462 -29.60 28.71 9.46
N LEU A 463 -28.72 28.86 10.43
CA LEU A 463 -28.48 27.81 11.42
C LEU A 463 -29.41 28.01 12.61
N LYS A 464 -30.20 26.99 12.94
CA LYS A 464 -31.15 27.06 14.04
C LYS A 464 -30.61 26.36 15.28
N ALA A 465 -31.01 26.87 16.44
CA ALA A 465 -30.62 26.31 17.73
C ALA A 465 -31.70 25.34 18.19
N HIS A 466 -31.29 24.15 18.61
CA HIS A 466 -32.24 23.26 19.26
C HIS A 466 -32.28 23.49 20.75
N LYS A 467 -31.13 23.72 21.37
CA LYS A 467 -31.07 23.94 22.79
C LYS A 467 -31.55 25.35 23.12
N ASP A 468 -31.94 25.54 24.38
CA ASP A 468 -32.22 26.86 24.90
C ASP A 468 -30.90 27.62 25.12
N LYS A 469 -31.00 28.92 25.40
CA LYS A 469 -29.85 29.62 25.95
C LYS A 469 -29.44 28.94 27.25
N SER A 470 -28.13 28.80 27.47
CA SER A 470 -27.66 28.18 28.70
C SER A 470 -27.51 29.17 29.86
N ALA A 471 -27.36 30.46 29.55
CA ALA A 471 -27.00 31.46 30.55
C ALA A 471 -25.68 31.13 31.24
N GLN A 472 -24.82 30.36 30.57
CA GLN A 472 -23.47 30.07 31.03
C GLN A 472 -22.44 30.44 29.97
N CYS A 473 -22.78 31.39 29.10
CA CYS A 473 -21.88 31.87 28.05
C CYS A 473 -21.50 33.31 28.37
N PHE A 474 -20.20 33.55 28.52
CA PHE A 474 -19.70 34.82 29.05
C PHE A 474 -18.59 35.36 28.17
N LYS A 475 -18.48 36.68 28.12
CA LYS A 475 -17.42 37.32 27.37
C LYS A 475 -16.79 38.42 28.22
N MET A 476 -15.49 38.60 28.03
CA MET A 476 -14.80 39.70 28.68
CA MET A 476 -14.74 39.65 28.71
C MET A 476 -13.82 40.28 27.69
N PHE A 477 -13.80 41.61 27.60
CA PHE A 477 -12.86 42.30 26.73
C PHE A 477 -11.61 42.67 27.56
N TYR A 478 -10.48 42.07 27.23
CA TYR A 478 -9.27 42.29 28.03
C TYR A 478 -8.06 42.11 27.13
N LYS A 479 -7.41 43.21 26.76
CA LYS A 479 -6.31 43.13 25.80
C LYS A 479 -5.07 42.47 26.41
N GLY A 480 -4.78 42.75 27.68
CA GLY A 480 -3.64 42.10 28.33
C GLY A 480 -2.30 42.58 27.79
N VAL A 481 -1.33 41.67 27.81
CA VAL A 481 0.03 41.95 27.35
C VAL A 481 0.45 40.78 26.47
N ILE A 482 0.99 41.06 25.29
CA ILE A 482 1.28 40.00 24.33
C ILE A 482 2.79 39.82 24.25
N THR A 483 3.27 38.67 24.69
CA THR A 483 4.65 38.25 24.48
C THR A 483 4.67 37.19 23.37
N HIS A 484 5.87 36.85 22.93
CA HIS A 484 6.00 35.89 21.85
C HIS A 484 7.14 34.92 22.12
N ASP A 485 6.92 33.67 21.75
CA ASP A 485 7.96 32.64 21.73
C ASP A 485 8.12 32.32 20.25
N VAL A 486 9.08 33.00 19.62
CA VAL A 486 9.26 33.01 18.17
C VAL A 486 8.04 33.70 17.55
N SER A 487 7.20 32.94 16.86
CA SER A 487 6.00 33.49 16.23
C SER A 487 4.73 33.10 16.95
N SER A 488 4.80 32.25 17.98
CA SER A 488 3.63 31.90 18.77
C SER A 488 3.41 32.91 19.88
N ALA A 489 2.17 33.38 20.02
CA ALA A 489 1.89 34.44 20.97
C ALA A 489 1.45 33.90 22.33
N ILE A 490 1.73 34.68 23.37
CA ILE A 490 1.35 34.38 24.75
C ILE A 490 0.70 35.64 25.34
N ASN A 491 -0.36 35.46 26.13
CA ASN A 491 -0.99 36.59 26.83
C ASN A 491 -1.19 36.19 28.29
N ARG A 492 -0.18 36.45 29.12
CA ARG A 492 -0.25 36.04 30.52
C ARG A 492 -1.36 36.76 31.28
N PRO A 493 -1.59 38.06 31.11
CA PRO A 493 -2.74 38.67 31.80
C PRO A 493 -4.08 38.01 31.47
N GLN A 494 -4.29 37.56 30.23
CA GLN A 494 -5.54 36.90 29.90
C GLN A 494 -5.69 35.60 30.67
N ILE A 495 -4.59 34.87 30.84
CA ILE A 495 -4.62 33.67 31.66
C ILE A 495 -4.86 34.02 33.13
N GLY A 496 -4.28 35.13 33.60
CA GLY A 496 -4.52 35.56 34.96
C GLY A 496 -5.98 35.88 35.21
N VAL A 497 -6.65 36.45 34.21
CA VAL A 497 -8.09 36.70 34.33
C VAL A 497 -8.84 35.38 34.45
N VAL A 498 -8.42 34.38 33.68
CA VAL A 498 -9.07 33.06 33.74
C VAL A 498 -8.88 32.45 35.12
N ARG A 499 -7.65 32.54 35.65
CA ARG A 499 -7.39 31.99 36.97
C ARG A 499 -8.28 32.62 38.03
N GLU A 500 -8.53 33.92 37.92
CA GLU A 500 -9.43 34.58 38.87
C GLU A 500 -10.87 34.13 38.67
N PHE A 501 -11.28 33.96 37.41
CA PHE A 501 -12.62 33.45 37.10
C PHE A 501 -12.84 32.08 37.71
N LEU A 502 -11.84 31.19 37.60
CA LEU A 502 -12.01 29.84 38.10
C LEU A 502 -12.23 29.80 39.62
N THR A 503 -11.52 30.66 40.37
CA THR A 503 -11.71 30.65 41.82
C THR A 503 -13.15 30.98 42.19
N ARG A 504 -13.87 31.70 41.32
CA ARG A 504 -15.23 32.13 41.60
C ARG A 504 -16.28 31.28 40.89
N ASN A 505 -15.87 30.37 40.02
CA ASN A 505 -16.80 29.58 39.22
C ASN A 505 -16.31 28.13 39.21
N PRO A 506 -16.48 27.43 40.33
CA PRO A 506 -15.80 26.13 40.52
C PRO A 506 -16.30 25.05 39.59
N ALA A 507 -17.53 25.16 39.07
CA ALA A 507 -18.02 24.19 38.10
C ALA A 507 -17.21 24.19 36.82
N TRP A 508 -16.39 25.22 36.59
CA TRP A 508 -15.60 25.31 35.37
C TRP A 508 -14.23 24.67 35.51
N ARG A 509 -13.91 24.07 36.66
CA ARG A 509 -12.63 23.39 36.81
C ARG A 509 -12.47 22.24 35.84
N LYS A 510 -13.58 21.78 35.24
CA LYS A 510 -13.55 20.73 34.25
C LYS A 510 -13.50 21.26 32.83
N ALA A 511 -13.28 22.57 32.64
CA ALA A 511 -13.29 23.13 31.31
C ALA A 511 -12.04 22.76 30.54
N VAL A 512 -12.14 22.85 29.21
CA VAL A 512 -11.00 22.73 28.31
C VAL A 512 -10.59 24.13 27.88
N PHE A 513 -9.30 24.39 27.94
CA PHE A 513 -8.72 25.67 27.58
C PHE A 513 -8.34 25.64 26.11
N ILE A 514 -8.81 26.59 25.36
CA ILE A 514 -8.57 26.65 23.92
C ILE A 514 -8.02 28.02 23.57
N SER A 515 -7.03 28.08 22.70
CA SER A 515 -6.52 29.36 22.20
C SER A 515 -6.02 29.14 20.79
N PRO A 516 -5.82 30.21 20.02
CA PRO A 516 -5.24 30.04 18.68
C PRO A 516 -3.74 29.72 18.67
N TYR A 517 -3.07 29.60 19.83
CA TYR A 517 -1.61 29.53 19.85
C TYR A 517 -1.12 28.43 20.77
N ASN A 518 -0.17 27.64 20.28
CA ASN A 518 0.42 26.58 21.08
C ASN A 518 1.12 27.13 22.32
N SER A 519 1.85 28.24 22.18
CA SER A 519 2.60 28.77 23.32
C SER A 519 1.69 29.26 24.42
N GLN A 520 0.57 29.88 24.06
CA GLN A 520 -0.43 30.25 25.05
C GLN A 520 -0.97 29.02 25.77
N ASN A 521 -1.26 27.93 25.04
CA ASN A 521 -1.76 26.71 25.67
C ASN A 521 -0.74 26.14 26.63
N ALA A 522 0.55 26.22 26.30
CA ALA A 522 1.57 25.68 27.18
C ALA A 522 1.63 26.44 28.50
N VAL A 523 1.52 27.77 28.44
CA VAL A 523 1.53 28.58 29.66
C VAL A 523 0.26 28.34 30.48
N ALA A 524 -0.91 28.31 29.82
CA ALA A 524 -2.15 28.02 30.53
C ALA A 524 -2.09 26.64 31.20
N SER A 525 -1.59 25.64 30.49
CA SER A 525 -1.47 24.30 31.08
C SER A 525 -0.71 24.35 32.40
N LYS A 526 0.38 25.12 32.45
CA LYS A 526 1.19 25.13 33.67
C LYS A 526 0.50 25.91 34.79
N ILE A 527 -0.13 27.02 34.46
CA ILE A 527 -0.69 27.92 35.46
C ILE A 527 -2.05 27.44 35.92
N LEU A 528 -2.92 27.07 34.97
CA LEU A 528 -4.30 26.69 35.27
C LEU A 528 -4.47 25.20 35.51
N GLY A 529 -3.66 24.35 34.89
CA GLY A 529 -3.80 22.91 35.04
C GLY A 529 -4.90 22.27 34.22
N LEU A 530 -5.60 23.03 33.40
CA LEU A 530 -6.64 22.44 32.58
C LEU A 530 -6.04 21.78 31.34
N PRO A 531 -6.74 20.79 30.76
CA PRO A 531 -6.37 20.32 29.41
C PRO A 531 -6.54 21.49 28.45
N THR A 532 -5.69 21.54 27.44
CA THR A 532 -5.67 22.64 26.50
C THR A 532 -5.77 22.12 25.07
N GLN A 533 -6.21 22.97 24.17
CA GLN A 533 -6.21 22.52 22.79
C GLN A 533 -6.15 23.76 21.93
N THR A 534 -5.50 23.65 20.77
CA THR A 534 -5.56 24.75 19.83
C THR A 534 -6.92 24.69 19.16
N VAL A 535 -7.39 25.82 18.66
CA VAL A 535 -8.65 25.79 17.93
C VAL A 535 -8.61 24.75 16.83
N ASP A 536 -7.51 24.74 16.05
CA ASP A 536 -7.41 23.83 14.91
C ASP A 536 -7.48 22.36 15.37
N SER A 537 -6.81 22.02 16.47
CA SER A 537 -6.85 20.65 16.99
C SER A 537 -8.22 20.31 17.58
N SER A 538 -8.98 21.31 18.02
CA SER A 538 -10.28 21.07 18.65
C SER A 538 -11.35 20.71 17.63
N GLN A 539 -11.11 20.98 16.36
CA GLN A 539 -12.16 20.83 15.34
C GLN A 539 -12.65 19.40 15.31
N GLY A 540 -13.96 19.23 15.42
CA GLY A 540 -14.57 17.91 15.49
C GLY A 540 -14.79 17.39 16.89
N SER A 541 -14.23 18.04 17.91
CA SER A 541 -14.44 17.68 19.30
C SER A 541 -15.49 18.57 19.97
N GLU A 542 -16.01 18.08 21.10
CA GLU A 542 -17.01 18.81 21.87
C GLU A 542 -16.71 18.63 23.35
N TYR A 543 -16.99 19.67 24.14
CA TYR A 543 -16.72 19.67 25.57
C TYR A 543 -17.84 20.42 26.29
N ASP A 544 -18.09 20.08 27.56
CA ASP A 544 -19.14 20.75 28.30
C ASP A 544 -18.82 22.23 28.49
N TYR A 545 -17.62 22.53 28.98
CA TYR A 545 -17.23 23.89 29.25
C TYR A 545 -15.94 24.18 28.50
N VAL A 546 -15.89 25.34 27.86
CA VAL A 546 -14.74 25.80 27.11
C VAL A 546 -14.32 27.17 27.66
N ILE A 547 -13.02 27.36 27.85
CA ILE A 547 -12.47 28.68 28.14
C ILE A 547 -11.57 29.06 26.97
N PHE A 548 -11.86 30.19 26.33
CA PHE A 548 -11.13 30.64 25.15
C PHE A 548 -10.50 32.00 25.44
N THR A 549 -9.19 32.10 25.16
CA THR A 549 -8.44 33.36 25.22
C THR A 549 -8.00 33.68 23.81
N GLN A 550 -8.47 34.81 23.30
CA GLN A 550 -8.10 35.16 21.94
C GLN A 550 -6.61 35.42 21.80
N THR A 551 -5.93 35.80 22.88
CA THR A 551 -4.47 35.98 22.97
C THR A 551 -3.97 37.26 22.30
N THR A 552 -4.30 37.45 21.02
CA THR A 552 -3.86 38.60 20.26
C THR A 552 -5.00 39.04 19.36
N GLU A 553 -4.78 40.16 18.67
CA GLU A 553 -5.62 40.59 17.56
C GLU A 553 -4.74 40.46 16.33
N THR A 554 -4.83 39.33 15.66
CA THR A 554 -4.13 39.12 14.39
C THR A 554 -5.13 38.57 13.39
N ALA A 555 -4.69 38.49 12.13
CA ALA A 555 -5.51 37.81 11.12
C ALA A 555 -5.76 36.37 11.53
N HIS A 556 -4.77 35.72 12.15
CA HIS A 556 -4.93 34.36 12.62
C HIS A 556 -5.99 34.27 13.71
N SER A 557 -5.95 35.17 14.70
CA SER A 557 -6.85 35.06 15.84
C SER A 557 -8.23 35.64 15.59
N CYS A 558 -8.41 36.41 14.52
CA CYS A 558 -9.69 37.00 14.18
C CYS A 558 -10.37 36.33 13.01
N ASN A 559 -9.74 35.32 12.41
CA ASN A 559 -10.35 34.63 11.29
C ASN A 559 -11.70 34.06 11.72
N VAL A 560 -12.74 34.38 10.94
CA VAL A 560 -14.10 34.01 11.36
C VAL A 560 -14.28 32.49 11.37
N ASN A 561 -13.66 31.79 10.42
CA ASN A 561 -13.77 30.32 10.45
C ASN A 561 -13.17 29.78 11.74
N ARG A 562 -12.00 30.30 12.11
CA ARG A 562 -11.37 29.85 13.34
C ARG A 562 -12.19 30.22 14.56
N PHE A 563 -12.75 31.44 14.57
CA PHE A 563 -13.59 31.80 15.71
C PHE A 563 -14.84 30.93 15.76
N ASN A 564 -15.47 30.70 14.61
CA ASN A 564 -16.65 29.83 14.56
C ASN A 564 -16.33 28.48 15.19
N VAL A 565 -15.23 27.86 14.79
CA VAL A 565 -14.86 26.57 15.36
C VAL A 565 -14.61 26.70 16.87
N ALA A 566 -13.94 27.78 17.29
CA ALA A 566 -13.58 27.90 18.70
C ALA A 566 -14.81 27.88 19.60
N ILE A 567 -15.82 28.69 19.29
CA ILE A 567 -16.89 28.78 20.28
C ILE A 567 -17.95 27.70 20.14
N THR A 568 -17.97 26.95 19.02
CA THR A 568 -18.92 25.85 18.85
C THR A 568 -18.40 24.53 19.41
N ARG A 569 -17.28 24.51 20.14
CA ARG A 569 -16.89 23.30 20.84
C ARG A 569 -17.74 23.05 22.09
N ALA A 570 -18.45 24.05 22.59
CA ALA A 570 -19.01 23.97 23.94
C ALA A 570 -20.43 23.42 23.93
N LYS A 571 -20.72 22.51 24.86
CA LYS A 571 -22.06 21.96 25.02
C LYS A 571 -22.87 22.69 26.08
N VAL A 572 -22.22 23.28 27.09
CA VAL A 572 -22.95 23.87 28.21
C VAL A 572 -22.60 25.35 28.36
N GLY A 573 -21.31 25.65 28.50
CA GLY A 573 -20.90 27.02 28.77
C GLY A 573 -19.57 27.34 28.12
N ILE A 574 -19.36 28.62 27.86
CA ILE A 574 -18.10 29.10 27.32
C ILE A 574 -17.78 30.45 27.94
N LEU A 575 -16.50 30.68 28.20
CA LEU A 575 -15.96 31.97 28.60
C LEU A 575 -14.98 32.39 27.50
N CYS A 576 -15.18 33.56 26.91
CA CYS A 576 -14.28 34.05 25.88
C CYS A 576 -13.62 35.30 26.41
N ILE A 577 -12.29 35.28 26.49
CA ILE A 577 -11.53 36.49 26.85
C ILE A 577 -11.04 37.07 25.55
N MET A 578 -11.55 38.25 25.17
CA MET A 578 -11.38 38.74 23.82
C MET A 578 -10.41 39.91 23.76
N SER A 579 -9.71 39.97 22.62
CA SER A 579 -8.80 41.06 22.31
C SER A 579 -9.36 41.95 21.22
N ASP A 580 -10.29 41.45 20.41
CA ASP A 580 -10.78 42.13 19.20
C ASP A 580 -12.16 42.69 19.44
N ARG A 581 -12.31 44.01 19.29
CA ARG A 581 -13.59 44.65 19.60
C ARG A 581 -14.72 44.13 18.71
N ASP A 582 -14.47 43.97 17.41
CA ASP A 582 -15.54 43.55 16.51
C ASP A 582 -16.08 42.17 16.91
N LEU A 583 -15.19 41.20 17.10
CA LEU A 583 -15.72 39.89 17.47
C LEU A 583 -16.36 39.92 18.84
N TYR A 584 -15.76 40.65 19.79
CA TYR A 584 -16.30 40.74 21.14
C TYR A 584 -17.75 41.17 21.08
N ASP A 585 -18.02 42.22 20.31
CA ASP A 585 -19.37 42.77 20.22
C ASP A 585 -20.33 41.81 19.54
N LYS A 586 -19.85 40.92 18.66
CA LYS A 586 -20.76 40.00 18.01
C LYS A 586 -21.20 38.88 18.94
N LEU A 587 -20.38 38.53 19.94
CA LEU A 587 -20.75 37.46 20.85
C LEU A 587 -22.01 37.83 21.60
N GLN A 588 -23.07 37.07 21.41
CA GLN A 588 -24.34 37.30 22.11
C GLN A 588 -24.32 36.65 23.50
N PHE A 589 -23.31 37.05 24.28
CA PHE A 589 -23.02 36.49 25.60
C PHE A 589 -23.21 37.57 26.65
N THR A 590 -23.37 37.14 27.90
CA THR A 590 -23.35 38.07 29.02
C THR A 590 -21.94 38.58 29.23
N SER A 591 -21.78 39.88 29.39
CA SER A 591 -20.45 40.43 29.58
C SER A 591 -20.10 40.43 31.06
N LEU A 592 -18.85 40.12 31.36
CA LEU A 592 -18.34 40.09 32.71
C LEU A 592 -17.42 41.27 32.92
N GLU A 593 -17.35 41.73 34.18
CA GLU A 593 -16.47 42.80 34.57
C GLU A 593 -15.52 42.28 35.64
N ILE A 594 -14.29 42.80 35.62
CA ILE A 594 -13.26 42.53 36.64
C ILE A 594 -11.94 43.16 36.23
N SER B 1 -23.68 -4.06 -5.08
CA SER B 1 -23.70 -4.68 -3.76
C SER B 1 -22.96 -6.02 -3.79
N MET B 2 -22.45 -6.44 -2.63
CA MET B 2 -21.70 -7.68 -2.55
C MET B 2 -22.57 -8.91 -2.51
N ALA B 3 -23.87 -8.75 -2.22
CA ALA B 3 -24.77 -9.90 -2.17
C ALA B 3 -24.82 -10.66 -3.49
N VAL B 4 -24.72 -9.96 -4.61
CA VAL B 4 -24.91 -10.58 -5.93
C VAL B 4 -23.58 -10.68 -6.67
N GLY B 5 -23.43 -11.75 -7.44
CA GLY B 5 -22.19 -12.02 -8.14
C GLY B 5 -22.30 -13.20 -9.05
N ALA B 6 -21.15 -13.77 -9.42
CA ALA B 6 -21.07 -14.84 -10.41
C ALA B 6 -20.63 -16.15 -9.78
N CYS B 7 -21.31 -17.25 -10.16
CA CYS B 7 -21.04 -18.55 -9.56
C CYS B 7 -19.64 -19.02 -9.91
N VAL B 8 -18.90 -19.44 -8.89
CA VAL B 8 -17.52 -19.88 -9.10
C VAL B 8 -17.44 -21.09 -10.01
N LEU B 9 -18.49 -21.92 -10.05
CA LEU B 9 -18.46 -23.11 -10.90
C LEU B 9 -18.87 -22.80 -12.34
N CYS B 10 -20.08 -22.29 -12.53
CA CYS B 10 -20.65 -22.16 -13.87
C CYS B 10 -20.84 -20.71 -14.32
N ASN B 11 -20.34 -19.76 -13.55
CA ASN B 11 -20.35 -18.33 -13.90
C ASN B 11 -21.75 -17.74 -14.02
N SER B 12 -22.80 -18.47 -13.63
CA SER B 12 -24.14 -17.93 -13.69
C SER B 12 -24.35 -16.94 -12.55
N GLN B 13 -25.16 -15.91 -12.81
CA GLN B 13 -25.41 -14.89 -11.80
C GLN B 13 -26.15 -15.51 -10.60
N THR B 14 -25.82 -15.01 -9.40
CA THR B 14 -26.42 -15.54 -8.19
C THR B 14 -26.42 -14.49 -7.09
N SER B 15 -27.34 -14.65 -6.15
CA SER B 15 -27.37 -13.86 -4.91
C SER B 15 -27.00 -14.70 -3.69
N LEU B 16 -26.32 -15.82 -3.88
CA LEU B 16 -25.98 -16.73 -2.79
C LEU B 16 -24.47 -16.89 -2.68
N ARG B 17 -23.99 -16.98 -1.45
CA ARG B 17 -22.61 -17.35 -1.16
C ARG B 17 -22.63 -18.44 -0.12
N CYS B 18 -21.62 -19.32 -0.18
CA CYS B 18 -21.46 -20.32 0.87
C CYS B 18 -20.79 -19.67 2.07
N GLY B 19 -21.49 -19.64 3.20
CA GLY B 19 -20.94 -19.05 4.40
C GLY B 19 -19.96 -19.94 5.14
N ALA B 20 -19.90 -21.22 4.79
CA ALA B 20 -18.98 -22.14 5.44
C ALA B 20 -17.66 -22.28 4.70
N CYS B 21 -17.61 -21.99 3.40
CA CYS B 21 -16.33 -21.91 2.70
C CYS B 21 -15.57 -20.67 3.15
N ILE B 22 -14.26 -20.82 3.36
CA ILE B 22 -13.47 -19.71 3.89
C ILE B 22 -13.48 -18.52 2.94
N ARG B 23 -13.63 -18.75 1.64
CA ARG B 23 -13.62 -17.66 0.68
C ARG B 23 -15.01 -17.11 0.37
N ARG B 24 -16.06 -17.65 0.97
CA ARG B 24 -17.43 -17.24 0.71
C ARG B 24 -17.73 -17.08 -0.79
N PRO B 25 -17.48 -18.11 -1.59
CA PRO B 25 -17.66 -17.96 -3.04
C PRO B 25 -19.14 -17.84 -3.38
N PHE B 26 -19.41 -17.15 -4.48
CA PHE B 26 -20.76 -17.16 -5.03
C PHE B 26 -21.05 -18.53 -5.65
N LEU B 27 -22.29 -19.00 -5.45
CA LEU B 27 -22.79 -20.24 -6.05
C LEU B 27 -24.24 -20.01 -6.44
N CYS B 28 -24.61 -20.40 -7.66
CA CYS B 28 -25.98 -20.19 -8.11
C CYS B 28 -26.92 -21.12 -7.36
N CYS B 29 -28.21 -20.96 -7.62
CA CYS B 29 -29.23 -21.77 -6.95
C CYS B 29 -28.93 -23.26 -7.10
N LYS B 30 -28.43 -23.66 -8.28
CA LYS B 30 -28.19 -25.08 -8.54
C LYS B 30 -26.89 -25.56 -7.90
N CYS B 31 -25.79 -24.85 -8.14
CA CYS B 31 -24.52 -25.29 -7.57
C CYS B 31 -24.52 -25.17 -6.05
N CYS B 32 -25.22 -24.17 -5.51
CA CYS B 32 -25.29 -24.04 -4.05
C CYS B 32 -25.98 -25.25 -3.45
N TYR B 33 -27.08 -25.69 -4.07
CA TYR B 33 -27.77 -26.90 -3.62
C TYR B 33 -26.86 -28.12 -3.71
N ASP B 34 -26.22 -28.32 -4.86
CA ASP B 34 -25.33 -29.47 -5.00
C ASP B 34 -24.22 -29.45 -3.95
N HIS B 35 -23.71 -28.27 -3.61
CA HIS B 35 -22.65 -28.16 -2.60
C HIS B 35 -23.18 -28.53 -1.21
N VAL B 36 -24.30 -27.92 -0.79
CA VAL B 36 -24.74 -28.07 0.58
C VAL B 36 -25.24 -29.49 0.88
N ILE B 37 -25.85 -30.15 -0.11
CA ILE B 37 -26.38 -31.49 0.15
C ILE B 37 -25.29 -32.55 0.19
N SER B 38 -24.11 -32.29 -0.39
CA SER B 38 -23.07 -33.31 -0.46
C SER B 38 -21.88 -33.04 0.44
N THR B 39 -21.90 -31.96 1.22
CA THR B 39 -20.83 -31.64 2.15
C THR B 39 -21.43 -31.23 3.48
N SER B 40 -20.56 -30.92 4.44
CA SER B 40 -21.00 -30.40 5.73
C SER B 40 -21.28 -28.90 5.70
N HIS B 41 -21.07 -28.23 4.57
CA HIS B 41 -21.34 -26.81 4.48
C HIS B 41 -22.85 -26.60 4.32
N LYS B 42 -23.45 -25.88 5.27
CA LYS B 42 -24.89 -25.69 5.28
C LYS B 42 -25.30 -24.23 5.45
N LEU B 43 -24.34 -23.32 5.62
CA LEU B 43 -24.65 -21.92 5.88
C LEU B 43 -24.59 -21.16 4.56
N VAL B 44 -25.72 -20.61 4.14
CA VAL B 44 -25.81 -19.85 2.89
C VAL B 44 -26.02 -18.38 3.22
N LEU B 45 -25.33 -17.51 2.48
CA LEU B 45 -25.41 -16.08 2.69
C LEU B 45 -26.07 -15.45 1.49
N SER B 46 -27.03 -14.57 1.75
CA SER B 46 -27.66 -13.74 0.73
C SER B 46 -27.50 -12.30 1.17
N VAL B 47 -28.38 -11.41 0.69
CA VAL B 47 -28.45 -10.05 1.20
C VAL B 47 -28.38 -10.09 2.72
N ASN B 48 -29.14 -11.00 3.31
CA ASN B 48 -29.05 -11.36 4.72
C ASN B 48 -28.66 -12.82 4.83
N PRO B 49 -28.09 -13.24 5.96
CA PRO B 49 -27.74 -14.66 6.12
C PRO B 49 -29.00 -15.51 6.28
N TYR B 50 -28.98 -16.69 5.68
CA TYR B 50 -30.08 -17.65 5.82
C TYR B 50 -29.98 -18.30 7.19
N VAL B 51 -30.57 -17.65 8.19
CA VAL B 51 -30.62 -18.17 9.57
C VAL B 51 -32.01 -17.93 10.11
N CYS B 52 -32.35 -18.66 11.18
CA CYS B 52 -33.65 -18.50 11.81
C CYS B 52 -33.71 -17.20 12.59
N ASN B 53 -34.72 -16.37 12.29
CA ASN B 53 -34.87 -15.05 12.88
C ASN B 53 -35.73 -15.04 14.14
N ALA B 54 -36.12 -16.19 14.65
CA ALA B 54 -36.88 -16.23 15.89
C ALA B 54 -35.95 -15.91 17.05
N PRO B 55 -36.32 -14.97 17.93
CA PRO B 55 -35.45 -14.62 19.07
C PRO B 55 -34.99 -15.84 19.85
N GLY B 56 -33.67 -16.00 19.99
CA GLY B 56 -33.11 -17.07 20.77
C GLY B 56 -32.77 -18.33 20.00
N CYS B 57 -33.13 -18.41 18.72
CA CYS B 57 -32.86 -19.62 17.96
C CYS B 57 -31.44 -19.60 17.39
N ASP B 58 -30.99 -20.77 16.91
CA ASP B 58 -29.63 -20.90 16.40
C ASP B 58 -29.53 -21.75 15.14
N VAL B 59 -30.64 -21.99 14.43
CA VAL B 59 -30.59 -22.87 13.26
C VAL B 59 -30.02 -22.09 12.08
N THR B 60 -28.92 -22.59 11.53
CA THR B 60 -28.25 -21.97 10.41
C THR B 60 -28.17 -22.88 9.19
N ASP B 61 -28.65 -24.11 9.29
CA ASP B 61 -28.57 -25.07 8.20
C ASP B 61 -29.66 -24.75 7.18
N VAL B 62 -29.24 -24.45 5.94
CA VAL B 62 -30.18 -24.04 4.90
C VAL B 62 -31.25 -25.10 4.64
N THR B 63 -30.89 -26.40 4.77
CA THR B 63 -31.84 -27.47 4.52
C THR B 63 -32.95 -27.52 5.56
N GLN B 64 -32.81 -26.83 6.69
CA GLN B 64 -33.82 -26.81 7.73
C GLN B 64 -34.54 -25.46 7.81
N LEU B 65 -34.36 -24.58 6.84
CA LEU B 65 -34.88 -23.23 6.94
C LEU B 65 -35.92 -22.94 5.87
N TYR B 66 -36.82 -22.02 6.18
CA TYR B 66 -37.95 -21.69 5.33
C TYR B 66 -38.04 -20.18 5.24
N LEU B 67 -38.60 -19.71 4.13
CA LEU B 67 -38.93 -18.29 3.96
C LEU B 67 -40.38 -18.10 4.39
N GLY B 68 -40.58 -17.39 5.50
CA GLY B 68 -41.90 -17.02 5.98
C GLY B 68 -42.07 -15.51 6.03
N GLY B 69 -42.86 -14.95 5.13
CA GLY B 69 -42.96 -13.50 5.04
C GLY B 69 -41.77 -13.05 4.22
N MET B 70 -40.91 -12.21 4.80
CA MET B 70 -39.67 -11.83 4.16
C MET B 70 -38.47 -12.20 5.03
N SER B 71 -38.69 -12.93 6.11
CA SER B 71 -37.67 -13.41 7.03
C SER B 71 -37.53 -14.93 6.88
N TYR B 72 -36.57 -15.49 7.60
CA TYR B 72 -36.26 -16.91 7.51
C TYR B 72 -36.45 -17.59 8.86
N TYR B 73 -36.98 -18.82 8.83
CA TYR B 73 -37.32 -19.51 10.06
C TYR B 73 -37.05 -21.00 9.90
N CYS B 74 -36.74 -21.67 11.01
CA CYS B 74 -36.59 -23.11 11.03
C CYS B 74 -37.98 -23.76 11.05
N LYS B 75 -38.01 -25.09 11.01
CA LYS B 75 -39.28 -25.81 10.98
C LYS B 75 -40.09 -25.57 12.25
N SER B 76 -39.40 -25.46 13.39
CA SER B 76 -40.07 -25.29 14.66
C SER B 76 -40.62 -23.87 14.84
N HIS B 77 -40.17 -22.92 14.03
CA HIS B 77 -40.52 -21.52 14.22
C HIS B 77 -41.23 -20.90 13.03
N LYS B 78 -41.37 -21.62 11.92
CA LYS B 78 -41.88 -21.00 10.70
C LYS B 78 -43.37 -20.69 10.85
N PRO B 79 -43.84 -19.64 10.18
CA PRO B 79 -45.28 -19.33 10.20
C PRO B 79 -46.05 -20.34 9.36
N PRO B 80 -47.38 -20.30 9.39
CA PRO B 80 -48.14 -21.29 8.58
C PRO B 80 -47.84 -21.22 7.10
N ILE B 81 -47.68 -20.02 6.54
CA ILE B 81 -47.39 -19.83 5.13
C ILE B 81 -45.89 -19.63 4.99
N SER B 82 -45.22 -20.61 4.39
CA SER B 82 -43.78 -20.52 4.17
C SER B 82 -43.41 -21.55 3.11
N PHE B 83 -42.20 -21.43 2.58
CA PHE B 83 -41.70 -22.40 1.62
C PHE B 83 -40.22 -22.66 1.84
N PRO B 84 -39.76 -23.87 1.52
CA PRO B 84 -38.38 -24.24 1.89
C PRO B 84 -37.35 -23.46 1.09
N LEU B 85 -36.30 -23.02 1.79
CA LEU B 85 -35.19 -22.35 1.10
C LEU B 85 -34.42 -23.32 0.22
N CYS B 86 -34.45 -24.61 0.55
CA CYS B 86 -33.60 -25.61 -0.09
C CYS B 86 -34.47 -26.80 -0.46
N ALA B 87 -34.86 -26.88 -1.73
CA ALA B 87 -35.71 -27.97 -2.19
C ALA B 87 -35.69 -27.95 -3.71
N ASN B 88 -36.12 -29.07 -4.32
CA ASN B 88 -36.30 -29.16 -5.77
C ASN B 88 -34.99 -28.97 -6.53
N GLY B 89 -33.85 -29.26 -5.89
CA GLY B 89 -32.57 -29.11 -6.54
C GLY B 89 -32.02 -27.71 -6.59
N GLN B 90 -32.62 -26.77 -5.86
CA GLN B 90 -32.15 -25.39 -5.86
C GLN B 90 -32.26 -24.81 -4.45
N VAL B 91 -31.32 -23.93 -4.13
CA VAL B 91 -31.46 -23.07 -2.97
C VAL B 91 -32.13 -21.77 -3.43
N PHE B 92 -33.11 -21.31 -2.67
CA PHE B 92 -33.86 -20.12 -3.06
C PHE B 92 -32.93 -18.91 -3.15
N GLY B 93 -33.08 -18.14 -4.22
CA GLY B 93 -32.24 -16.97 -4.42
C GLY B 93 -32.66 -16.27 -5.69
N LEU B 94 -31.75 -15.44 -6.20
CA LEU B 94 -31.99 -14.68 -7.43
C LEU B 94 -31.49 -15.47 -8.64
N TYR B 95 -31.99 -15.06 -9.81
CA TYR B 95 -31.62 -15.69 -11.09
C TYR B 95 -31.95 -17.17 -11.13
N LYS B 96 -33.00 -17.58 -10.41
CA LYS B 96 -33.34 -18.99 -10.28
C LYS B 96 -33.65 -19.66 -11.61
N ASN B 97 -33.83 -18.90 -12.69
CA ASN B 97 -34.15 -19.46 -13.99
C ASN B 97 -32.95 -19.60 -14.91
N THR B 98 -31.91 -18.78 -14.71
CA THR B 98 -30.75 -18.76 -15.58
C THR B 98 -29.63 -19.69 -15.12
N CYS B 99 -29.73 -20.26 -13.91
CA CYS B 99 -28.74 -21.22 -13.44
C CYS B 99 -28.49 -22.30 -14.48
N VAL B 100 -27.22 -22.52 -14.78
CA VAL B 100 -26.81 -23.54 -15.73
C VAL B 100 -26.42 -24.84 -15.02
N GLY B 101 -25.59 -24.73 -13.98
CA GLY B 101 -25.11 -25.89 -13.24
C GLY B 101 -23.77 -26.35 -13.77
N SER B 102 -23.25 -27.40 -13.15
CA SER B 102 -21.92 -27.88 -13.51
C SER B 102 -21.87 -29.39 -13.42
N ASP B 103 -20.67 -29.92 -13.68
CA ASP B 103 -20.36 -31.34 -13.57
C ASP B 103 -19.21 -31.63 -12.62
N ASN B 104 -18.29 -30.68 -12.43
CA ASN B 104 -17.17 -30.84 -11.51
C ASN B 104 -17.48 -30.29 -10.13
N VAL B 105 -18.71 -30.54 -9.64
CA VAL B 105 -19.03 -30.14 -8.27
C VAL B 105 -18.23 -30.97 -7.28
N THR B 106 -17.90 -32.21 -7.66
CA THR B 106 -17.03 -33.04 -6.82
C THR B 106 -15.66 -32.42 -6.64
N ASP B 107 -15.10 -31.83 -7.70
CA ASP B 107 -13.81 -31.15 -7.57
C ASP B 107 -13.92 -29.90 -6.71
N PHE B 108 -15.00 -29.13 -6.89
CA PHE B 108 -15.24 -27.98 -6.04
C PHE B 108 -15.33 -28.38 -4.58
N ASN B 109 -16.13 -29.42 -4.29
CA ASN B 109 -16.29 -29.89 -2.92
C ASN B 109 -14.95 -30.27 -2.30
N ALA B 110 -14.08 -30.94 -3.07
CA ALA B 110 -12.80 -31.37 -2.53
C ALA B 110 -11.91 -30.18 -2.21
N ILE B 111 -11.84 -29.20 -3.11
CA ILE B 111 -11.06 -28.00 -2.84
C ILE B 111 -11.64 -27.24 -1.66
N ALA B 112 -12.97 -27.16 -1.58
CA ALA B 112 -13.62 -26.36 -0.56
C ALA B 112 -13.49 -26.97 0.83
N THR B 113 -13.22 -28.28 0.94
CA THR B 113 -13.20 -28.96 2.23
C THR B 113 -11.84 -29.52 2.64
N CYS B 114 -10.86 -29.57 1.76
CA CYS B 114 -9.58 -30.16 2.12
C CYS B 114 -8.81 -29.25 3.07
N ASP B 115 -7.82 -29.82 3.77
CA ASP B 115 -7.00 -29.06 4.72
C ASP B 115 -5.61 -28.72 4.20
N TRP B 116 -5.30 -29.05 2.95
CA TRP B 116 -4.05 -28.67 2.29
C TRP B 116 -2.82 -29.27 2.94
N THR B 117 -2.98 -30.36 3.70
CA THR B 117 -1.81 -31.01 4.28
C THR B 117 -1.28 -32.16 3.44
N ASN B 118 -2.03 -32.62 2.44
CA ASN B 118 -1.65 -33.73 1.59
C ASN B 118 -1.32 -33.25 0.18
N ALA B 119 -0.38 -33.95 -0.45
CA ALA B 119 0.05 -33.56 -1.79
C ALA B 119 -1.09 -33.64 -2.80
N GLY B 120 -2.04 -34.55 -2.59
CA GLY B 120 -3.15 -34.70 -3.52
C GLY B 120 -4.02 -33.46 -3.63
N ASP B 121 -4.11 -32.68 -2.55
CA ASP B 121 -4.87 -31.43 -2.62
C ASP B 121 -4.26 -30.45 -3.62
N TYR B 122 -2.92 -30.41 -3.70
CA TYR B 122 -2.24 -29.53 -4.63
C TYR B 122 -2.30 -30.09 -6.05
N ILE B 123 -2.32 -31.40 -6.20
CA ILE B 123 -2.45 -31.99 -7.53
C ILE B 123 -3.80 -31.62 -8.11
N LEU B 124 -4.86 -31.75 -7.32
CA LEU B 124 -6.19 -31.38 -7.78
C LEU B 124 -6.26 -29.91 -8.14
N ALA B 125 -5.58 -29.06 -7.35
CA ALA B 125 -5.61 -27.61 -7.55
C ALA B 125 -4.90 -27.20 -8.83
N ASN B 126 -4.12 -28.09 -9.44
CA ASN B 126 -3.41 -27.80 -10.67
C ASN B 126 -3.92 -28.59 -11.86
N THR B 127 -4.91 -29.45 -11.67
CA THR B 127 -5.47 -30.24 -12.76
C THR B 127 -6.95 -29.97 -13.01
N CYS B 128 -7.61 -29.19 -12.16
CA CYS B 128 -9.02 -28.89 -12.31
C CYS B 128 -9.21 -27.81 -13.39
N THR B 129 -10.45 -27.37 -13.57
CA THR B 129 -10.74 -26.32 -14.54
C THR B 129 -10.14 -24.99 -14.08
N GLU B 130 -9.99 -24.06 -15.03
CA GLU B 130 -9.32 -22.80 -14.74
C GLU B 130 -10.01 -22.04 -13.61
N ARG B 131 -11.34 -21.95 -13.63
CA ARG B 131 -12.01 -21.19 -12.59
C ARG B 131 -11.77 -21.83 -11.23
N LEU B 132 -11.68 -23.16 -11.20
CA LEU B 132 -11.43 -23.86 -9.95
C LEU B 132 -9.97 -23.73 -9.52
N LYS B 133 -9.04 -23.61 -10.48
CA LYS B 133 -7.66 -23.32 -10.10
C LYS B 133 -7.58 -22.02 -9.33
N LEU B 134 -8.36 -21.01 -9.74
CA LEU B 134 -8.35 -19.74 -9.02
C LEU B 134 -8.99 -19.90 -7.65
N PHE B 135 -10.10 -20.64 -7.56
CA PHE B 135 -10.73 -20.85 -6.27
C PHE B 135 -9.80 -21.62 -5.35
N ALA B 136 -9.07 -22.59 -5.90
CA ALA B 136 -8.13 -23.34 -5.07
C ALA B 136 -6.99 -22.44 -4.58
N ALA B 137 -6.46 -21.60 -5.47
CA ALA B 137 -5.34 -20.72 -5.08
C ALA B 137 -5.77 -19.74 -3.99
N GLU B 138 -6.96 -19.14 -4.11
CA GLU B 138 -7.47 -18.26 -3.06
C GLU B 138 -7.68 -19.03 -1.76
N THR B 139 -8.37 -20.17 -1.86
CA THR B 139 -8.71 -20.94 -0.67
C THR B 139 -7.45 -21.42 0.05
N LEU B 140 -6.45 -21.89 -0.71
CA LEU B 140 -5.20 -22.31 -0.11
C LEU B 140 -4.50 -21.14 0.57
N LYS B 141 -4.39 -20.01 -0.10
CA LYS B 141 -3.64 -18.89 0.47
C LYS B 141 -4.34 -18.35 1.70
N ALA B 142 -5.68 -18.32 1.70
CA ALA B 142 -6.39 -17.85 2.88
C ALA B 142 -6.25 -18.83 4.03
N THR B 143 -6.22 -20.14 3.71
CA THR B 143 -5.98 -21.15 4.74
C THR B 143 -4.58 -21.02 5.33
N GLU B 144 -3.58 -20.79 4.47
CA GLU B 144 -2.22 -20.59 4.97
C GLU B 144 -2.15 -19.39 5.90
N GLU B 145 -2.80 -18.28 5.52
CA GLU B 145 -2.76 -17.07 6.35
C GLU B 145 -3.50 -17.28 7.67
N THR B 146 -4.62 -17.99 7.63
CA THR B 146 -5.38 -18.25 8.86
C THR B 146 -4.59 -19.16 9.81
N PHE B 147 -3.85 -20.12 9.25
CA PHE B 147 -3.11 -21.07 10.07
C PHE B 147 -1.98 -20.39 10.85
N LYS B 148 -1.44 -19.28 10.32
CA LYS B 148 -0.43 -18.54 11.05
C LYS B 148 -0.97 -18.00 12.36
N LEU B 149 -2.28 -17.74 12.44
CA LEU B 149 -2.90 -17.24 13.66
C LEU B 149 -2.97 -18.29 14.76
N SER B 150 -2.71 -19.54 14.44
CA SER B 150 -2.75 -20.59 15.45
C SER B 150 -1.47 -20.63 16.28
N TYR B 151 -0.39 -20.00 15.83
CA TYR B 151 0.85 -20.01 16.60
C TYR B 151 0.82 -19.00 17.74
N GLY B 152 1.60 -19.27 18.77
CA GLY B 152 1.63 -18.41 19.92
C GLY B 152 2.57 -17.22 19.75
N ILE B 153 2.26 -16.16 20.50
CA ILE B 153 3.12 -15.00 20.56
C ILE B 153 4.43 -15.36 21.25
N ALA B 154 5.52 -14.78 20.78
CA ALA B 154 6.81 -14.82 21.46
C ALA B 154 7.09 -13.44 22.06
N THR B 155 7.54 -13.42 23.30
CA THR B 155 7.78 -12.17 24.01
C THR B 155 9.23 -12.12 24.48
N VAL B 156 9.88 -10.98 24.28
CA VAL B 156 11.26 -10.81 24.74
C VAL B 156 11.26 -10.88 26.26
N ARG B 157 11.91 -11.90 26.80
CA ARG B 157 12.04 -12.07 28.24
C ARG B 157 13.29 -11.39 28.76
N GLU B 158 14.39 -11.48 28.02
CA GLU B 158 15.64 -10.85 28.42
C GLU B 158 16.51 -10.71 27.18
N VAL B 159 17.08 -9.52 27.00
CA VAL B 159 18.05 -9.29 25.91
C VAL B 159 19.41 -9.69 26.48
N LEU B 160 19.67 -11.00 26.48
CA LEU B 160 20.93 -11.52 27.03
C LEU B 160 22.14 -10.81 26.43
N SER B 161 22.14 -10.60 25.12
CA SER B 161 23.25 -9.98 24.41
C SER B 161 22.73 -9.47 23.09
N ASP B 162 23.61 -8.84 22.32
CA ASP B 162 23.23 -8.39 20.99
C ASP B 162 23.03 -9.61 20.08
N ARG B 163 22.08 -9.49 19.16
CA ARG B 163 21.75 -10.53 18.20
C ARG B 163 21.24 -11.82 18.84
N GLU B 164 21.12 -11.87 20.17
CA GLU B 164 20.55 -13.02 20.85
C GLU B 164 19.50 -12.57 21.86
N LEU B 165 18.42 -13.35 21.97
CA LEU B 165 17.33 -12.99 22.87
C LEU B 165 16.86 -14.23 23.62
N HIS B 166 16.23 -14.00 24.77
CA HIS B 166 15.57 -15.06 25.52
C HIS B 166 14.09 -14.80 25.39
N LEU B 167 13.33 -15.79 24.93
CA LEU B 167 11.92 -15.61 24.61
C LEU B 167 11.02 -16.43 25.52
N SER B 168 9.86 -15.86 25.83
CA SER B 168 8.78 -16.54 26.55
C SER B 168 7.64 -16.74 25.55
N TRP B 169 7.06 -17.93 25.53
CA TRP B 169 6.06 -18.27 24.52
C TRP B 169 4.65 -18.36 25.11
N GLU B 170 3.67 -18.02 24.27
CA GLU B 170 2.28 -17.98 24.72
C GLU B 170 1.82 -19.38 25.13
N VAL B 171 1.03 -19.44 26.20
CA VAL B 171 0.56 -20.73 26.72
C VAL B 171 -0.61 -21.22 25.89
N GLY B 172 -0.60 -22.51 25.56
CA GLY B 172 -1.74 -23.14 24.95
C GLY B 172 -1.80 -23.08 23.44
N LYS B 173 -0.76 -22.57 22.80
CA LYS B 173 -0.66 -22.53 21.35
C LYS B 173 0.71 -23.03 20.93
N PRO B 174 0.81 -23.72 19.79
CA PRO B 174 2.10 -24.23 19.36
C PRO B 174 3.04 -23.11 18.96
N ARG B 175 4.33 -23.40 19.03
CA ARG B 175 5.36 -22.46 18.58
C ARG B 175 5.71 -22.74 17.13
N PRO B 176 5.88 -21.70 16.32
CA PRO B 176 6.27 -21.91 14.93
C PRO B 176 7.70 -22.43 14.84
N PRO B 177 8.04 -23.10 13.75
CA PRO B 177 9.45 -23.47 13.53
C PRO B 177 10.29 -22.22 13.39
N LEU B 178 11.51 -22.27 13.93
CA LEU B 178 12.42 -21.13 13.87
C LEU B 178 13.41 -21.34 12.73
N ASN B 179 12.99 -20.95 11.52
CA ASN B 179 13.84 -20.95 10.34
C ASN B 179 13.45 -19.74 9.47
N ARG B 180 13.97 -19.71 8.24
CA ARG B 180 13.80 -18.55 7.37
C ARG B 180 12.40 -18.46 6.77
N ASN B 181 11.69 -19.59 6.64
CA ASN B 181 10.35 -19.57 6.08
C ASN B 181 9.32 -18.91 7.00
N TYR B 182 9.70 -18.61 8.24
CA TYR B 182 8.77 -18.01 9.20
C TYR B 182 9.32 -16.64 9.59
N VAL B 183 8.75 -15.60 9.01
CA VAL B 183 9.16 -14.23 9.24
C VAL B 183 8.20 -13.60 10.25
N PHE B 184 8.75 -13.04 11.32
CA PHE B 184 7.96 -12.45 12.38
C PHE B 184 7.98 -10.94 12.24
N THR B 185 6.92 -10.30 12.73
CA THR B 185 6.87 -8.86 12.89
C THR B 185 6.99 -8.55 14.38
N GLY B 186 7.91 -7.64 14.70
CA GLY B 186 8.10 -7.22 16.07
C GLY B 186 7.22 -6.02 16.40
N TYR B 187 6.81 -5.96 17.67
CA TYR B 187 5.96 -4.89 18.15
C TYR B 187 6.45 -4.42 19.51
N ARG B 188 6.33 -3.11 19.75
CA ARG B 188 6.61 -2.51 21.05
C ARG B 188 5.29 -1.97 21.60
N VAL B 189 4.99 -2.31 22.86
CA VAL B 189 3.71 -1.92 23.44
C VAL B 189 3.80 -0.48 23.93
N THR B 190 2.66 0.21 23.88
CA THR B 190 2.51 1.57 24.35
C THR B 190 1.43 1.61 25.42
N LYS B 191 1.03 2.82 25.81
CA LYS B 191 0.01 2.96 26.86
C LYS B 191 -1.33 2.39 26.42
N ASN B 192 -1.67 2.55 25.14
CA ASN B 192 -2.97 2.12 24.65
C ASN B 192 -2.94 1.17 23.47
N SER B 193 -1.79 0.95 22.82
CA SER B 193 -1.73 -0.03 21.74
C SER B 193 -0.30 -0.53 21.51
N LYS B 194 0.08 -0.69 20.24
CA LYS B 194 1.38 -1.22 19.87
C LYS B 194 1.80 -0.61 18.54
N VAL B 195 3.11 -0.57 18.30
CA VAL B 195 3.67 -0.09 17.04
C VAL B 195 4.66 -1.13 16.49
N GLN B 196 4.57 -1.42 15.20
CA GLN B 196 5.54 -2.29 14.54
C GLN B 196 6.96 -1.76 14.71
N ILE B 197 7.91 -2.68 14.88
CA ILE B 197 9.31 -2.31 15.02
C ILE B 197 10.18 -3.16 14.09
N GLY B 198 9.59 -3.65 13.01
CA GLY B 198 10.31 -4.34 11.96
C GLY B 198 9.96 -5.82 11.89
N GLU B 199 10.62 -6.48 10.94
CA GLU B 199 10.44 -7.90 10.69
C GLU B 199 11.70 -8.67 11.08
N TYR B 200 11.51 -9.94 11.49
CA TYR B 200 12.57 -10.70 12.11
C TYR B 200 12.45 -12.17 11.74
N THR B 201 13.60 -12.85 11.72
CA THR B 201 13.66 -14.30 11.64
C THR B 201 14.50 -14.81 12.81
N PHE B 202 14.16 -15.99 13.29
CA PHE B 202 14.74 -16.53 14.51
C PHE B 202 15.37 -17.89 14.26
N GLU B 203 16.34 -18.23 15.11
CA GLU B 203 17.01 -19.51 15.06
C GLU B 203 17.45 -19.87 16.47
N LYS B 204 17.34 -21.16 16.81
CA LYS B 204 17.74 -21.61 18.14
C LYS B 204 19.19 -21.22 18.40
N GLY B 205 19.45 -20.73 19.61
CA GLY B 205 20.80 -20.33 19.98
C GLY B 205 21.40 -21.19 21.06
N ALA B 210 16.62 -18.66 24.40
CA ALA B 210 17.97 -18.44 23.89
C ALA B 210 18.01 -18.62 22.37
N VAL B 211 17.64 -17.56 21.64
CA VAL B 211 17.56 -17.60 20.19
C VAL B 211 18.46 -16.53 19.60
N VAL B 212 18.83 -16.72 18.33
CA VAL B 212 19.57 -15.74 17.55
C VAL B 212 18.61 -15.15 16.52
N TYR B 213 18.60 -13.83 16.38
CA TYR B 213 17.64 -13.18 15.51
C TYR B 213 18.34 -12.36 14.43
N ARG B 214 17.68 -12.28 13.28
CA ARG B 214 18.09 -11.43 12.15
C ARG B 214 16.92 -10.50 11.87
N GLY B 215 17.18 -9.20 11.88
CA GLY B 215 16.12 -8.21 11.76
C GLY B 215 16.19 -7.39 10.49
N THR B 216 15.04 -6.88 10.07
CA THR B 216 14.99 -5.98 8.92
C THR B 216 15.65 -4.65 9.22
N THR B 217 15.84 -4.33 10.49
CA THR B 217 16.47 -3.09 10.93
C THR B 217 17.12 -3.34 12.27
N THR B 218 18.25 -2.67 12.50
CA THR B 218 18.83 -2.61 13.83
C THR B 218 18.02 -1.63 14.66
N TYR B 219 17.63 -2.05 15.86
CA TYR B 219 16.71 -1.30 16.69
C TYR B 219 16.72 -1.93 18.07
N LYS B 220 17.10 -1.16 19.08
CA LYS B 220 17.26 -1.70 20.43
C LYS B 220 15.98 -2.38 20.90
N LEU B 221 15.99 -3.71 20.96
CA LEU B 221 14.87 -4.45 21.53
C LEU B 221 15.01 -4.48 23.04
N ASN B 222 13.89 -4.27 23.73
CA ASN B 222 13.86 -4.35 25.19
C ASN B 222 12.81 -5.36 25.61
N VAL B 223 12.91 -5.78 26.88
CA VAL B 223 11.92 -6.69 27.45
C VAL B 223 10.52 -6.17 27.18
N GLY B 224 9.62 -7.08 26.80
CA GLY B 224 8.26 -6.74 26.52
C GLY B 224 7.92 -6.66 25.05
N ASP B 225 8.90 -6.41 24.19
CA ASP B 225 8.66 -6.51 22.76
C ASP B 225 8.26 -7.95 22.42
N TYR B 226 7.38 -8.08 21.44
CA TYR B 226 6.85 -9.40 21.11
C TYR B 226 6.81 -9.59 19.60
N PHE B 227 6.68 -10.85 19.19
CA PHE B 227 6.80 -11.22 17.78
C PHE B 227 5.64 -12.11 17.37
N VAL B 228 5.13 -11.89 16.17
CA VAL B 228 3.99 -12.63 15.63
C VAL B 228 4.17 -12.76 14.13
N LEU B 229 3.89 -13.94 13.59
CA LEU B 229 3.90 -14.12 12.15
C LEU B 229 2.80 -13.23 11.56
N THR B 230 3.15 -12.37 10.60
CA THR B 230 2.16 -11.45 10.08
C THR B 230 1.35 -12.09 8.95
N SER B 231 0.03 -12.05 9.08
CA SER B 231 -0.90 -12.53 8.08
C SER B 231 -1.59 -11.35 7.40
N HIS B 232 -1.80 -11.46 6.09
CA HIS B 232 -2.37 -10.38 5.30
C HIS B 232 -3.65 -10.85 4.63
N THR B 233 -4.55 -9.91 4.37
CA THR B 233 -5.79 -10.23 3.67
C THR B 233 -5.48 -10.75 2.28
N VAL B 234 -6.20 -11.78 1.86
CA VAL B 234 -6.05 -12.39 0.54
C VAL B 234 -7.18 -11.85 -0.33
N MET B 235 -6.81 -11.27 -1.49
CA MET B 235 -7.78 -10.66 -2.40
C MET B 235 -8.34 -11.70 -3.36
N PRO B 236 -9.57 -11.51 -3.82
CA PRO B 236 -10.14 -12.40 -4.84
C PRO B 236 -9.30 -12.35 -6.11
N LEU B 237 -9.32 -13.46 -6.85
CA LEU B 237 -8.65 -13.56 -8.13
C LEU B 237 -9.67 -13.48 -9.25
N SER B 238 -9.21 -13.01 -10.39
CA SER B 238 -10.12 -12.92 -11.53
C SER B 238 -9.50 -13.45 -12.81
N ALA B 239 -8.22 -13.22 -13.04
CA ALA B 239 -7.60 -13.55 -14.31
C ALA B 239 -7.13 -15.00 -14.30
N PRO B 240 -7.06 -15.66 -15.46
CA PRO B 240 -6.55 -17.03 -15.50
C PRO B 240 -5.07 -17.10 -15.14
N THR B 241 -4.61 -18.31 -14.81
CA THR B 241 -3.19 -18.50 -14.54
C THR B 241 -2.33 -18.35 -15.80
N LEU B 242 -2.92 -18.60 -16.97
CA LEU B 242 -2.28 -18.37 -18.25
C LEU B 242 -3.32 -17.82 -19.22
N VAL B 243 -2.95 -16.82 -20.00
CA VAL B 243 -3.84 -16.28 -21.03
C VAL B 243 -3.97 -17.35 -22.10
N PRO B 244 -4.99 -17.30 -22.97
CA PRO B 244 -5.06 -18.29 -24.06
C PRO B 244 -3.85 -18.16 -24.97
N GLN B 245 -3.28 -19.30 -25.35
CA GLN B 245 -2.08 -19.30 -26.18
C GLN B 245 -2.44 -18.90 -27.61
N GLU B 246 -1.53 -18.18 -28.26
CA GLU B 246 -1.68 -17.86 -29.68
C GLU B 246 -0.32 -18.00 -30.34
N HIS B 247 -0.28 -18.65 -31.49
CA HIS B 247 0.94 -18.72 -32.28
C HIS B 247 0.81 -17.84 -33.51
N TYR B 248 1.92 -17.23 -33.91
CA TYR B 248 1.95 -16.31 -35.02
C TYR B 248 2.93 -16.81 -36.09
N VAL B 249 2.69 -16.38 -37.33
CA VAL B 249 3.57 -16.75 -38.44
C VAL B 249 4.66 -15.75 -38.67
N ARG B 250 4.70 -14.66 -37.90
CA ARG B 250 5.77 -13.68 -37.96
C ARG B 250 5.88 -13.02 -36.59
N ILE B 251 7.00 -12.36 -36.35
CA ILE B 251 7.14 -11.60 -35.12
C ILE B 251 6.06 -10.54 -35.08
N THR B 252 5.31 -10.50 -33.98
CA THR B 252 4.12 -9.65 -33.87
C THR B 252 4.33 -8.63 -32.77
N GLY B 253 4.10 -7.36 -33.11
CA GLY B 253 4.13 -6.28 -32.14
C GLY B 253 5.51 -5.87 -31.67
N LEU B 254 6.56 -6.50 -32.16
CA LEU B 254 7.93 -6.17 -31.78
C LEU B 254 8.74 -5.92 -33.05
N TYR B 255 9.83 -5.17 -32.91
CA TYR B 255 10.66 -4.79 -34.04
C TYR B 255 12.10 -5.13 -33.73
N PRO B 256 12.63 -6.20 -34.31
CA PRO B 256 13.97 -6.65 -33.93
C PRO B 256 15.02 -5.64 -34.35
N THR B 257 16.09 -5.56 -33.55
CA THR B 257 17.20 -4.73 -33.91
C THR B 257 17.93 -5.39 -35.08
N LEU B 258 18.72 -4.60 -35.80
CA LEU B 258 19.53 -5.21 -36.86
C LEU B 258 20.97 -5.43 -36.43
N ASN B 259 21.39 -4.78 -35.35
CA ASN B 259 22.74 -4.89 -34.81
C ASN B 259 22.65 -5.29 -33.34
N ILE B 260 23.36 -6.37 -32.96
CA ILE B 260 23.33 -6.85 -31.57
C ILE B 260 24.75 -7.24 -31.17
N SER B 261 25.04 -7.14 -29.88
CA SER B 261 26.33 -7.59 -29.39
C SER B 261 26.44 -9.11 -29.50
N ASP B 262 27.67 -9.59 -29.73
CA ASP B 262 27.92 -11.03 -29.77
C ASP B 262 27.68 -11.69 -28.41
N GLU B 263 27.55 -10.89 -27.34
CA GLU B 263 27.23 -11.44 -26.03
C GLU B 263 25.82 -12.01 -26.00
N PHE B 264 24.97 -11.64 -26.97
CA PHE B 264 23.59 -12.08 -26.98
C PHE B 264 23.22 -12.90 -28.20
N SER B 265 24.16 -13.14 -29.11
CA SER B 265 23.86 -13.79 -30.38
C SER B 265 23.30 -15.19 -30.17
N SER B 266 23.77 -15.91 -29.14
CA SER B 266 23.28 -17.26 -28.91
C SER B 266 21.78 -17.28 -28.63
N ASN B 267 21.19 -16.16 -28.26
CA ASN B 267 19.78 -16.11 -27.89
C ASN B 267 18.87 -15.56 -28.98
N VAL B 268 19.41 -15.19 -30.14
CA VAL B 268 18.63 -14.47 -31.13
C VAL B 268 17.45 -15.31 -31.62
N ALA B 269 17.67 -16.60 -31.90
CA ALA B 269 16.56 -17.45 -32.33
C ALA B 269 15.49 -17.57 -31.23
N ASN B 270 15.91 -17.70 -29.97
CA ASN B 270 14.95 -17.72 -28.87
C ASN B 270 14.18 -16.40 -28.81
N TYR B 271 14.89 -15.28 -28.99
CA TYR B 271 14.22 -13.98 -28.94
C TYR B 271 13.19 -13.85 -30.06
N GLN B 272 13.48 -14.39 -31.23
CA GLN B 272 12.49 -14.35 -32.31
C GLN B 272 11.30 -15.23 -31.97
N LYS B 273 11.54 -16.39 -31.36
CA LYS B 273 10.44 -17.24 -30.93
C LYS B 273 9.54 -16.53 -29.92
N VAL B 274 10.14 -15.70 -29.06
CA VAL B 274 9.33 -14.92 -28.10
C VAL B 274 8.33 -14.06 -28.83
N GLY B 275 8.74 -13.45 -29.93
CA GLY B 275 7.86 -12.59 -30.68
C GLY B 275 6.82 -13.29 -31.53
N MET B 276 6.89 -14.62 -31.61
CA MET B 276 6.03 -15.39 -32.50
C MET B 276 4.98 -16.19 -31.75
N GLN B 277 4.80 -15.94 -30.46
CA GLN B 277 3.67 -16.53 -29.76
C GLN B 277 3.33 -15.66 -28.56
N LYS B 278 2.09 -15.84 -28.06
CA LYS B 278 1.58 -14.99 -26.99
C LYS B 278 2.39 -15.19 -25.71
N TYR B 279 2.62 -16.43 -25.32
CA TYR B 279 3.47 -16.67 -24.17
C TYR B 279 4.48 -17.76 -24.50
N SER B 280 5.65 -17.67 -23.86
CA SER B 280 6.73 -18.61 -24.12
C SER B 280 7.35 -19.01 -22.79
N THR B 281 7.86 -20.23 -22.70
CA THR B 281 8.50 -20.75 -21.49
C THR B 281 9.98 -21.00 -21.77
N LEU B 282 10.84 -20.53 -20.87
CA LEU B 282 12.27 -20.75 -20.95
C LEU B 282 12.71 -21.55 -19.74
N GLN B 283 13.29 -22.73 -19.97
CA GLN B 283 13.92 -23.48 -18.90
C GLN B 283 15.40 -23.12 -18.92
N GLY B 284 15.87 -22.47 -17.86
CA GLY B 284 17.26 -22.14 -17.72
C GLY B 284 17.85 -22.85 -16.51
N PRO B 285 18.61 -23.91 -16.78
CA PRO B 285 19.28 -24.62 -15.70
C PRO B 285 20.25 -23.70 -14.96
N PRO B 286 20.74 -24.13 -13.81
CA PRO B 286 21.67 -23.28 -13.05
C PRO B 286 22.85 -22.89 -13.91
N GLY B 287 23.29 -21.63 -13.77
CA GLY B 287 24.50 -21.18 -14.42
C GLY B 287 24.41 -21.03 -15.92
N THR B 288 23.20 -20.99 -16.49
CA THR B 288 23.04 -20.91 -17.94
C THR B 288 22.75 -19.50 -18.44
N GLY B 289 22.45 -18.56 -17.56
CA GLY B 289 22.28 -17.18 -17.98
C GLY B 289 20.86 -16.69 -18.13
N LYS B 290 20.02 -16.96 -17.13
CA LYS B 290 18.62 -16.55 -17.25
C LYS B 290 18.49 -15.04 -17.24
N SER B 291 19.16 -14.36 -16.31
CA SER B 291 19.05 -12.91 -16.28
C SER B 291 19.68 -12.28 -17.51
N HIS B 292 20.76 -12.88 -18.00
CA HIS B 292 21.41 -12.43 -19.23
C HIS B 292 20.45 -12.54 -20.41
N PHE B 293 19.73 -13.66 -20.50
CA PHE B 293 18.71 -13.80 -21.53
C PHE B 293 17.66 -12.71 -21.41
N ALA B 294 17.18 -12.47 -20.18
CA ALA B 294 16.07 -11.54 -19.98
C ALA B 294 16.44 -10.13 -20.36
N ILE B 295 17.67 -9.72 -20.04
CA ILE B 295 18.10 -8.37 -20.37
C ILE B 295 18.43 -8.26 -21.85
N GLY B 296 18.97 -9.32 -22.46
CA GLY B 296 19.23 -9.28 -23.89
C GLY B 296 17.97 -9.10 -24.72
N LEU B 297 16.83 -9.51 -24.18
CA LEU B 297 15.56 -9.34 -24.91
C LEU B 297 15.27 -7.86 -25.14
N ALA B 298 15.64 -7.02 -24.17
CA ALA B 298 15.47 -5.57 -24.33
C ALA B 298 16.39 -5.02 -25.41
N LEU B 299 17.60 -5.56 -25.53
CA LEU B 299 18.50 -5.08 -26.55
C LEU B 299 18.08 -5.55 -27.93
N TYR B 300 17.47 -6.73 -28.01
CA TYR B 300 17.05 -7.25 -29.30
C TYR B 300 15.79 -6.55 -29.81
N TYR B 301 14.93 -6.11 -28.90
CA TYR B 301 13.72 -5.36 -29.24
C TYR B 301 13.80 -3.99 -28.58
N PRO B 302 14.69 -3.11 -29.06
CA PRO B 302 15.07 -1.92 -28.28
C PRO B 302 13.96 -0.91 -28.06
N SER B 303 12.89 -0.91 -28.84
CA SER B 303 11.79 0.02 -28.58
C SER B 303 10.69 -0.60 -27.71
N ALA B 304 10.81 -1.86 -27.34
CA ALA B 304 9.76 -2.51 -26.56
C ALA B 304 9.74 -2.01 -25.13
N ARG B 305 8.53 -1.80 -24.60
CA ARG B 305 8.37 -1.56 -23.18
C ARG B 305 8.29 -2.90 -22.48
N ILE B 306 9.12 -3.10 -21.46
CA ILE B 306 9.25 -4.40 -20.82
C ILE B 306 9.06 -4.26 -19.32
N VAL B 307 8.16 -5.06 -18.76
CA VAL B 307 8.02 -5.17 -17.31
C VAL B 307 8.72 -6.46 -16.89
N TYR B 308 9.71 -6.32 -16.00
CA TYR B 308 10.43 -7.46 -15.43
C TYR B 308 9.87 -7.72 -14.03
N THR B 309 9.44 -8.96 -13.79
CA THR B 309 8.79 -9.25 -12.51
C THR B 309 9.24 -10.61 -11.99
N ALA B 310 9.06 -10.78 -10.69
CA ALA B 310 9.34 -12.04 -9.99
C ALA B 310 8.66 -11.96 -8.64
N CYS B 311 8.59 -13.10 -7.95
CA CYS B 311 7.92 -13.09 -6.65
C CYS B 311 8.74 -12.35 -5.59
N SER B 312 10.05 -12.57 -5.55
CA SER B 312 10.85 -12.07 -4.44
C SER B 312 11.62 -10.81 -4.85
N HIS B 313 11.89 -9.96 -3.85
CA HIS B 313 12.72 -8.78 -4.11
C HIS B 313 14.11 -9.17 -4.56
N ALA B 314 14.66 -10.25 -3.99
CA ALA B 314 16.00 -10.69 -4.36
C ALA B 314 16.09 -11.04 -5.85
N ALA B 315 15.05 -11.71 -6.38
CA ALA B 315 15.06 -12.04 -7.80
C ALA B 315 14.89 -10.81 -8.67
N VAL B 316 14.05 -9.86 -8.25
CA VAL B 316 13.89 -8.63 -9.02
C VAL B 316 15.19 -7.83 -9.01
N ASP B 317 15.84 -7.73 -7.85
CA ASP B 317 17.07 -6.95 -7.74
C ASP B 317 18.18 -7.54 -8.60
N ALA B 318 18.21 -8.87 -8.75
CA ALA B 318 19.21 -9.47 -9.63
C ALA B 318 18.98 -9.07 -11.08
N LEU B 319 17.71 -8.95 -11.50
CA LEU B 319 17.43 -8.43 -12.83
C LEU B 319 17.89 -6.98 -12.95
N CYS B 320 17.65 -6.17 -11.91
CA CYS B 320 18.13 -4.78 -11.92
C CYS B 320 19.65 -4.71 -12.05
N GLU B 321 20.37 -5.54 -11.31
CA GLU B 321 21.82 -5.46 -11.35
C GLU B 321 22.35 -5.82 -12.75
N LYS B 322 21.70 -6.79 -13.40
CA LYS B 322 22.07 -7.14 -14.76
C LYS B 322 21.68 -6.03 -15.73
N ALA B 323 20.53 -5.40 -15.51
CA ALA B 323 20.13 -4.27 -16.35
C ALA B 323 21.12 -3.12 -16.25
N LEU B 324 21.66 -2.89 -15.06
CA LEU B 324 22.63 -1.80 -14.86
C LEU B 324 23.84 -1.96 -15.77
N LYS B 325 24.18 -3.19 -16.16
CA LYS B 325 25.34 -3.42 -17.01
C LYS B 325 25.05 -3.20 -18.49
N TYR B 326 23.78 -3.21 -18.91
CA TYR B 326 23.48 -3.28 -20.35
C TYR B 326 22.44 -2.29 -20.84
N LEU B 327 21.52 -1.85 -19.96
CA LEU B 327 20.45 -0.95 -20.35
C LEU B 327 20.68 0.45 -19.82
N PRO B 328 20.22 1.49 -20.52
CA PRO B 328 20.42 2.87 -20.04
C PRO B 328 19.62 3.14 -18.76
N ILE B 329 20.33 3.61 -17.72
CA ILE B 329 19.73 3.75 -16.40
C ILE B 329 18.54 4.71 -16.42
N ASP B 330 18.57 5.72 -17.29
CA ASP B 330 17.49 6.69 -17.35
C ASP B 330 16.17 6.05 -17.77
N LYS B 331 16.21 4.89 -18.40
CA LYS B 331 15.00 4.26 -18.93
C LYS B 331 14.47 3.17 -18.00
N CYS B 332 14.96 3.10 -16.76
CA CYS B 332 14.62 2.03 -15.83
C CYS B 332 13.98 2.61 -14.58
N SER B 333 13.04 1.85 -14.01
CA SER B 333 12.42 2.21 -12.74
C SER B 333 12.22 0.96 -11.90
N ARG B 334 12.51 1.07 -10.61
CA ARG B 334 12.23 0.02 -9.64
C ARG B 334 10.99 0.44 -8.87
N ILE B 335 9.95 -0.39 -8.90
CA ILE B 335 8.72 -0.12 -8.17
C ILE B 335 8.88 -0.65 -6.75
N ILE B 336 8.68 0.22 -5.76
CA ILE B 336 8.85 -0.13 -4.36
C ILE B 336 7.56 0.23 -3.62
N PRO B 337 6.86 -0.75 -3.02
CA PRO B 337 5.66 -0.42 -2.25
C PRO B 337 6.02 0.27 -0.94
N ALA B 338 5.24 1.30 -0.60
CA ALA B 338 5.49 2.07 0.62
C ALA B 338 4.93 1.36 1.85
N VAL B 342 11.53 -4.01 3.53
CA VAL B 342 12.64 -4.67 2.86
C VAL B 342 13.47 -3.68 2.04
N GLU B 343 14.79 -3.72 2.21
CA GLU B 343 15.68 -2.87 1.43
C GLU B 343 15.97 -3.53 0.09
N CYS B 344 15.74 -2.80 -0.99
CA CYS B 344 15.97 -3.37 -2.31
C CYS B 344 16.80 -2.44 -3.19
N PHE B 345 16.85 -2.74 -4.49
CA PHE B 345 17.66 -1.97 -5.44
C PHE B 345 17.27 -0.50 -5.41
N ASP B 346 18.28 0.37 -5.28
CA ASP B 346 18.01 1.80 -5.16
C ASP B 346 18.87 2.64 -6.11
N LYS B 347 19.22 2.08 -7.27
CA LYS B 347 19.97 2.84 -8.26
C LYS B 347 19.13 3.31 -9.43
N PHE B 348 17.88 2.87 -9.53
CA PHE B 348 16.93 3.35 -10.52
C PHE B 348 16.00 4.38 -9.88
N LYS B 349 15.37 5.20 -10.72
CA LYS B 349 14.30 6.05 -10.20
C LYS B 349 13.17 5.17 -9.68
N VAL B 350 12.53 5.63 -8.61
CA VAL B 350 11.60 4.81 -7.84
C VAL B 350 10.17 5.15 -8.24
N ASN B 351 9.40 4.11 -8.53
CA ASN B 351 7.94 4.22 -8.69
C ASN B 351 7.53 5.10 -9.88
N SER B 352 8.19 4.87 -11.02
CA SER B 352 7.86 5.55 -12.27
C SER B 352 7.30 4.50 -13.21
N THR B 353 5.96 4.41 -13.27
CA THR B 353 5.31 3.32 -13.98
C THR B 353 5.48 3.43 -15.49
N LEU B 354 5.66 4.65 -16.01
CA LEU B 354 5.68 4.86 -17.46
C LEU B 354 7.08 4.76 -18.06
N GLU B 355 8.07 4.32 -17.28
CA GLU B 355 9.39 4.13 -17.85
C GLU B 355 9.39 2.91 -18.77
N GLN B 356 10.38 2.87 -19.68
CA GLN B 356 10.42 1.80 -20.66
C GLN B 356 10.66 0.45 -20.00
N TYR B 357 11.52 0.39 -18.98
CA TYR B 357 11.83 -0.84 -18.26
C TYR B 357 11.40 -0.66 -16.81
N VAL B 358 10.42 -1.45 -16.38
CA VAL B 358 9.89 -1.41 -15.02
C VAL B 358 10.26 -2.71 -14.32
N PHE B 359 10.82 -2.60 -13.11
CA PHE B 359 11.26 -3.78 -12.35
C PHE B 359 10.44 -3.83 -11.06
N CYS B 360 9.72 -4.93 -10.84
CA CYS B 360 8.73 -4.91 -9.77
C CYS B 360 8.37 -6.32 -9.35
N THR B 361 8.18 -6.52 -8.04
CA THR B 361 7.66 -7.80 -7.57
C THR B 361 6.19 -7.94 -7.93
N VAL B 362 5.75 -9.20 -7.99
CA VAL B 362 4.36 -9.51 -8.35
C VAL B 362 3.39 -8.75 -7.46
N ASN B 363 3.60 -8.82 -6.14
CA ASN B 363 2.64 -8.25 -5.22
C ASN B 363 2.59 -6.72 -5.26
N ALA B 364 3.57 -6.08 -5.90
CA ALA B 364 3.61 -4.62 -5.99
C ALA B 364 3.26 -4.10 -7.39
N LEU B 365 2.86 -4.98 -8.29
CA LEU B 365 2.65 -4.58 -9.68
C LEU B 365 1.56 -3.52 -9.78
N PRO B 366 1.77 -2.46 -10.52
CA PRO B 366 0.67 -1.56 -10.86
C PRO B 366 -0.10 -2.14 -12.04
N GLU B 367 -1.27 -1.57 -12.28
CA GLU B 367 -2.07 -1.96 -13.44
C GLU B 367 -1.55 -1.19 -14.65
N THR B 368 -1.02 -1.90 -15.64
CA THR B 368 -0.41 -1.23 -16.78
C THR B 368 -0.40 -2.18 -17.97
N THR B 369 0.19 -1.70 -19.07
CA THR B 369 0.36 -2.51 -20.27
C THR B 369 1.84 -2.54 -20.62
N ALA B 370 2.20 -3.46 -21.50
CA ALA B 370 3.60 -3.58 -21.89
C ALA B 370 3.66 -4.40 -23.17
N ASP B 371 4.76 -4.23 -23.89
CA ASP B 371 4.98 -5.05 -25.06
C ASP B 371 5.38 -6.46 -24.65
N ILE B 372 6.22 -6.58 -23.64
CA ILE B 372 6.69 -7.86 -23.13
C ILE B 372 6.70 -7.85 -21.60
N VAL B 373 6.21 -8.92 -21.00
CA VAL B 373 6.31 -9.15 -19.56
C VAL B 373 7.23 -10.34 -19.38
N VAL B 374 8.28 -10.15 -18.57
CA VAL B 374 9.24 -11.22 -18.25
C VAL B 374 9.01 -11.56 -16.78
N PHE B 375 8.65 -12.80 -16.52
CA PHE B 375 8.40 -13.27 -15.16
C PHE B 375 9.49 -14.30 -14.87
N ASP B 376 10.45 -13.95 -14.00
CA ASP B 376 11.60 -14.79 -13.67
C ASP B 376 11.33 -15.67 -12.46
N GLU B 377 12.20 -16.68 -12.26
CA GLU B 377 12.11 -17.62 -11.13
C GLU B 377 10.71 -18.22 -11.02
N ILE B 378 10.23 -18.71 -12.16
CA ILE B 378 8.87 -19.27 -12.27
C ILE B 378 8.64 -20.49 -11.40
N SER B 379 9.69 -21.26 -11.07
CA SER B 379 9.46 -22.41 -10.19
C SER B 379 8.93 -21.97 -8.83
N MET B 380 9.30 -20.76 -8.38
CA MET B 380 8.90 -20.23 -7.08
C MET B 380 7.49 -19.64 -7.09
N ALA B 381 6.86 -19.48 -8.24
CA ALA B 381 5.56 -18.86 -8.29
C ALA B 381 4.46 -19.86 -7.93
N THR B 382 3.36 -19.35 -7.40
CA THR B 382 2.14 -20.13 -7.22
C THR B 382 1.11 -19.71 -8.27
N ASN B 383 0.02 -20.48 -8.37
CA ASN B 383 -1.03 -20.08 -9.31
C ASN B 383 -1.64 -18.74 -8.91
N TYR B 384 -1.62 -18.43 -7.62
CA TYR B 384 -2.08 -17.13 -7.16
C TYR B 384 -1.27 -16.02 -7.81
N ASP B 385 0.07 -16.12 -7.75
CA ASP B 385 0.93 -15.14 -8.38
C ASP B 385 0.69 -15.05 -9.87
N LEU B 386 0.57 -16.21 -10.55
CA LEU B 386 0.33 -16.20 -11.99
C LEU B 386 -0.94 -15.44 -12.32
N SER B 387 -1.98 -15.63 -11.51
CA SER B 387 -3.23 -14.94 -11.79
C SER B 387 -3.09 -13.45 -11.57
N VAL B 388 -2.40 -13.03 -10.50
CA VAL B 388 -2.20 -11.62 -10.23
C VAL B 388 -1.52 -10.93 -11.41
N VAL B 389 -0.46 -11.54 -11.94
CA VAL B 389 0.28 -10.94 -13.05
C VAL B 389 -0.66 -10.69 -14.22
N ASN B 390 -1.49 -11.68 -14.55
CA ASN B 390 -2.41 -11.50 -15.67
C ASN B 390 -3.48 -10.48 -15.37
N ALA B 391 -3.83 -10.29 -14.10
CA ALA B 391 -4.83 -9.30 -13.74
C ALA B 391 -4.28 -7.89 -13.81
N ARG B 392 -2.99 -7.71 -13.55
CA ARG B 392 -2.43 -6.37 -13.47
C ARG B 392 -1.75 -5.92 -14.76
N LEU B 393 -1.20 -6.85 -15.55
CA LEU B 393 -0.42 -6.51 -16.73
C LEU B 393 -1.08 -7.06 -17.99
N ARG B 394 -1.39 -6.19 -18.94
CA ARG B 394 -1.91 -6.61 -20.24
C ARG B 394 -0.75 -6.43 -21.22
N ALA B 395 -0.25 -7.52 -21.78
CA ALA B 395 0.97 -7.46 -22.58
C ALA B 395 0.80 -8.21 -23.90
N LYS B 396 1.61 -7.83 -24.90
CA LYS B 396 1.58 -8.54 -26.18
C LYS B 396 2.24 -9.90 -26.07
N HIS B 397 3.25 -10.03 -25.23
CA HIS B 397 3.99 -11.27 -25.08
C HIS B 397 4.36 -11.46 -23.62
N TYR B 398 4.31 -12.71 -23.18
CA TYR B 398 4.69 -13.07 -21.81
C TYR B 398 5.79 -14.10 -21.92
N VAL B 399 6.88 -13.88 -21.19
CA VAL B 399 8.00 -14.83 -21.16
C VAL B 399 8.17 -15.29 -19.72
N TYR B 400 7.97 -16.58 -19.49
CA TYR B 400 8.17 -17.19 -18.16
C TYR B 400 9.52 -17.86 -18.13
N ILE B 401 10.37 -17.44 -17.19
CA ILE B 401 11.75 -17.92 -17.09
C ILE B 401 11.92 -18.62 -15.77
N GLY B 402 12.52 -19.80 -15.80
CA GLY B 402 12.79 -20.51 -14.57
C GLY B 402 13.28 -21.90 -14.90
N ASP B 403 13.09 -22.79 -13.94
CA ASP B 403 13.54 -24.18 -14.07
C ASP B 403 12.68 -25.05 -13.16
N PRO B 404 11.79 -25.88 -13.71
CA PRO B 404 10.99 -26.77 -12.85
C PRO B 404 11.82 -27.80 -12.12
N ALA B 405 13.12 -27.88 -12.40
CA ALA B 405 14.06 -28.74 -11.68
C ALA B 405 14.67 -28.05 -10.46
N GLN B 406 14.33 -26.79 -10.20
CA GLN B 406 14.80 -26.10 -9.01
C GLN B 406 13.65 -25.97 -7.99
N LEU B 407 13.82 -25.07 -6.99
CA LEU B 407 12.94 -25.23 -5.83
C LEU B 407 11.63 -24.47 -6.00
N PRO B 408 10.55 -25.01 -5.45
CA PRO B 408 9.25 -24.33 -5.53
C PRO B 408 9.06 -23.38 -4.36
N ALA B 409 7.97 -22.63 -4.36
CA ALA B 409 7.62 -21.88 -3.18
C ALA B 409 7.37 -22.84 -2.02
N PRO B 410 7.73 -22.47 -0.79
CA PRO B 410 7.41 -23.35 0.34
C PRO B 410 5.90 -23.49 0.50
N ARG B 411 5.45 -24.71 0.74
CA ARG B 411 4.04 -24.98 1.04
C ARG B 411 4.00 -25.31 2.52
N THR B 412 3.84 -24.26 3.34
CA THR B 412 3.97 -24.41 4.79
C THR B 412 2.96 -25.40 5.35
N LEU B 413 1.80 -25.55 4.71
CA LEU B 413 0.78 -26.48 5.18
C LEU B 413 1.05 -27.91 4.75
N LEU B 414 1.79 -28.11 3.67
CA LEU B 414 1.99 -29.45 3.10
C LEU B 414 3.01 -30.20 3.94
N THR B 415 2.57 -31.26 4.62
CA THR B 415 3.42 -32.07 5.47
C THR B 415 3.41 -33.55 5.11
N LYS B 416 2.46 -34.01 4.30
CA LYS B 416 2.36 -35.42 3.92
C LYS B 416 2.43 -35.51 2.39
N GLY B 417 3.41 -36.26 1.89
CA GLY B 417 3.57 -36.45 0.47
C GLY B 417 4.48 -35.41 -0.15
N THR B 418 4.99 -35.75 -1.33
CA THR B 418 5.89 -34.87 -2.07
C THR B 418 5.16 -34.26 -3.26
N LEU B 419 5.40 -32.98 -3.48
CA LEU B 419 4.80 -32.25 -4.59
C LEU B 419 5.77 -32.29 -5.77
N GLU B 420 5.39 -33.01 -6.85
CA GLU B 420 6.24 -33.11 -8.02
C GLU B 420 6.21 -31.81 -8.83
N PRO B 421 7.28 -31.53 -9.59
CA PRO B 421 7.37 -30.24 -10.33
C PRO B 421 6.18 -29.96 -11.22
N GLU B 422 5.52 -30.99 -11.77
CA GLU B 422 4.42 -30.72 -12.70
C GLU B 422 3.24 -30.08 -11.98
N TYR B 423 3.28 -30.01 -10.65
CA TYR B 423 2.20 -29.44 -9.87
C TYR B 423 2.60 -28.15 -9.17
N PHE B 424 3.79 -27.60 -9.45
CA PHE B 424 4.20 -26.37 -8.78
C PHE B 424 3.27 -25.23 -9.12
N ASN B 425 2.91 -25.10 -10.40
CA ASN B 425 2.00 -24.07 -10.91
C ASN B 425 1.72 -24.41 -12.38
N SER B 426 0.90 -23.59 -13.03
CA SER B 426 0.44 -23.91 -14.38
C SER B 426 1.59 -23.93 -15.38
N VAL B 427 2.57 -23.02 -15.20
CA VAL B 427 3.66 -22.91 -16.15
C VAL B 427 4.59 -24.12 -16.05
N CYS B 428 4.97 -24.49 -14.82
CA CYS B 428 5.77 -25.69 -14.60
C CYS B 428 5.05 -26.94 -15.10
N ARG B 429 3.73 -26.99 -14.90
CA ARG B 429 2.97 -28.11 -15.46
C ARG B 429 3.17 -28.19 -16.97
N LEU B 430 3.06 -27.05 -17.67
CA LEU B 430 3.27 -27.06 -19.12
C LEU B 430 4.68 -27.52 -19.45
N MET B 431 5.68 -26.97 -18.75
CA MET B 431 7.07 -27.31 -19.04
C MET B 431 7.34 -28.78 -18.81
N LYS B 432 6.66 -29.41 -17.87
CA LYS B 432 6.87 -30.83 -17.61
C LYS B 432 5.99 -31.74 -18.48
N THR B 433 4.89 -31.22 -19.03
CA THR B 433 4.02 -32.08 -19.83
C THR B 433 4.27 -31.96 -21.33
N ILE B 434 4.37 -30.75 -21.85
CA ILE B 434 4.65 -30.54 -23.27
C ILE B 434 6.06 -30.06 -23.54
N GLY B 435 6.83 -29.72 -22.52
CA GLY B 435 8.19 -29.28 -22.70
C GLY B 435 8.30 -27.76 -22.75
N PRO B 436 9.46 -27.23 -22.39
CA PRO B 436 9.66 -25.78 -22.49
C PRO B 436 9.78 -25.34 -23.94
N ASP B 437 9.36 -24.10 -24.20
CA ASP B 437 9.54 -23.56 -25.55
C ASP B 437 11.02 -23.39 -25.89
N MET B 438 11.82 -22.98 -24.90
CA MET B 438 13.22 -22.67 -25.08
C MET B 438 14.00 -23.29 -23.93
N PHE B 439 15.25 -23.64 -24.19
CA PHE B 439 16.10 -24.29 -23.19
C PHE B 439 17.51 -23.77 -23.34
N LEU B 440 18.09 -23.27 -22.23
CA LEU B 440 19.47 -22.80 -22.24
C LEU B 440 20.33 -24.01 -21.93
N GLY B 441 21.08 -24.46 -22.92
CA GLY B 441 21.71 -25.76 -22.86
C GLY B 441 23.14 -25.82 -22.41
N THR B 442 23.78 -24.69 -22.11
CA THR B 442 25.18 -24.69 -21.70
C THR B 442 25.31 -24.05 -20.33
N CYS B 443 25.78 -24.81 -19.37
CA CYS B 443 26.07 -24.29 -18.04
C CYS B 443 27.47 -23.70 -18.05
N ARG B 444 27.57 -22.43 -17.67
CA ARG B 444 28.84 -21.71 -17.68
C ARG B 444 29.47 -21.59 -16.29
N ARG B 445 28.88 -22.21 -15.27
CA ARG B 445 29.37 -22.00 -13.91
C ARG B 445 30.07 -23.22 -13.36
N CYS B 446 29.59 -24.39 -13.67
CA CYS B 446 30.01 -25.50 -12.83
C CYS B 446 31.05 -26.37 -13.54
N PRO B 447 31.94 -27.01 -12.76
CA PRO B 447 32.85 -28.00 -13.37
C PRO B 447 32.04 -29.09 -14.04
N ALA B 448 32.69 -29.78 -14.99
CA ALA B 448 31.95 -30.72 -15.83
C ALA B 448 31.39 -31.89 -15.02
N GLU B 449 32.03 -32.26 -13.91
CA GLU B 449 31.52 -33.36 -13.09
C GLU B 449 30.12 -33.06 -12.55
N ILE B 450 29.91 -31.80 -12.15
CA ILE B 450 28.61 -31.40 -11.64
C ILE B 450 27.60 -31.34 -12.77
N VAL B 451 27.98 -30.74 -13.90
CA VAL B 451 27.04 -30.60 -15.02
C VAL B 451 26.58 -31.98 -15.48
N ASP B 452 27.54 -32.89 -15.68
CA ASP B 452 27.20 -34.23 -16.13
C ASP B 452 26.23 -34.90 -15.17
N THR B 453 26.47 -34.75 -13.86
CA THR B 453 25.60 -35.35 -12.87
C THR B 453 24.18 -34.84 -13.02
N VAL B 454 24.01 -33.51 -13.02
CA VAL B 454 22.63 -33.00 -13.03
C VAL B 454 22.01 -33.10 -14.42
N SER B 455 22.81 -33.05 -15.48
CA SER B 455 22.26 -33.28 -16.80
C SER B 455 21.53 -34.62 -16.85
N ALA B 456 22.15 -35.66 -16.29
CA ALA B 456 21.53 -36.98 -16.27
C ALA B 456 20.46 -37.09 -15.20
N LEU B 457 20.60 -36.38 -14.08
CA LEU B 457 19.64 -36.48 -12.99
C LEU B 457 18.30 -35.86 -13.35
N VAL B 458 18.31 -34.66 -13.95
CA VAL B 458 17.06 -33.93 -14.14
C VAL B 458 16.86 -33.28 -15.51
N TYR B 459 17.89 -33.28 -16.38
CA TYR B 459 17.75 -32.57 -17.65
C TYR B 459 17.81 -33.48 -18.89
N ASP B 460 17.57 -34.78 -18.71
CA ASP B 460 17.48 -35.71 -19.85
C ASP B 460 18.73 -35.62 -20.73
N ASN B 461 19.89 -35.45 -20.08
CA ASN B 461 21.18 -35.37 -20.74
C ASN B 461 21.25 -34.25 -21.77
N LYS B 462 20.45 -33.20 -21.59
CA LYS B 462 20.50 -32.07 -22.52
C LYS B 462 21.42 -30.94 -22.07
N LEU B 463 21.85 -30.93 -20.83
CA LEU B 463 22.66 -29.82 -20.31
C LEU B 463 24.13 -30.13 -20.57
N LYS B 464 24.80 -29.23 -21.28
CA LYS B 464 26.20 -29.41 -21.64
C LYS B 464 27.07 -28.47 -20.82
N ALA B 465 28.30 -28.90 -20.56
CA ALA B 465 29.21 -28.13 -19.74
C ALA B 465 30.06 -27.19 -20.61
N HIS B 466 30.24 -25.96 -20.12
CA HIS B 466 31.20 -25.05 -20.73
C HIS B 466 32.61 -25.33 -20.23
N LYS B 467 32.75 -25.53 -18.94
CA LYS B 467 34.04 -25.77 -18.30
C LYS B 467 34.47 -27.22 -18.45
N ASP B 468 35.76 -27.45 -18.27
CA ASP B 468 36.28 -28.80 -18.22
C ASP B 468 35.96 -29.40 -16.85
N LYS B 469 36.35 -30.66 -16.66
CA LYS B 469 36.33 -31.22 -15.32
C LYS B 469 37.37 -30.51 -14.46
N SER B 470 37.03 -30.29 -13.19
CA SER B 470 37.95 -29.63 -12.27
C SER B 470 38.83 -30.60 -11.49
N ALA B 471 38.43 -31.87 -11.39
CA ALA B 471 39.08 -32.84 -10.52
C ALA B 471 39.02 -32.45 -9.04
N GLN B 472 38.12 -31.54 -8.69
CA GLN B 472 37.92 -31.15 -7.29
C GLN B 472 36.47 -31.39 -6.86
N CYS B 473 35.84 -32.42 -7.40
CA CYS B 473 34.47 -32.81 -7.05
C CYS B 473 34.54 -34.18 -6.40
N PHE B 474 34.18 -34.24 -5.12
CA PHE B 474 34.42 -35.41 -4.29
C PHE B 474 33.14 -35.80 -3.60
N LYS B 475 32.97 -37.09 -3.33
CA LYS B 475 31.81 -37.57 -2.60
C LYS B 475 32.26 -38.57 -1.56
N MET B 476 31.51 -38.64 -0.47
N MET B 476 31.53 -38.62 -0.45
CA MET B 476 31.78 -39.63 0.55
CA MET B 476 31.79 -39.57 0.61
C MET B 476 30.45 -40.14 1.08
C MET B 476 30.44 -40.14 1.06
N PHE B 477 30.39 -41.44 1.31
CA PHE B 477 29.19 -42.08 1.82
C PHE B 477 29.40 -42.28 3.32
N TYR B 478 28.63 -41.58 4.14
CA TYR B 478 28.82 -41.63 5.59
C TYR B 478 27.49 -41.30 6.28
N LYS B 479 26.87 -42.29 6.90
CA LYS B 479 25.56 -42.05 7.50
C LYS B 479 25.64 -41.30 8.83
N GLY B 480 26.68 -41.56 9.63
CA GLY B 480 26.88 -40.78 10.84
C GLY B 480 25.82 -41.06 11.88
N VAL B 481 25.41 -40.02 12.60
CA VAL B 481 24.45 -40.13 13.70
C VAL B 481 23.48 -38.96 13.58
N ILE B 482 22.18 -39.25 13.56
CA ILE B 482 21.18 -38.22 13.35
C ILE B 482 20.51 -37.92 14.67
N THR B 483 20.57 -36.68 15.10
CA THR B 483 19.80 -36.23 16.24
C THR B 483 18.79 -35.21 15.76
N HIS B 484 17.71 -35.06 16.50
CA HIS B 484 16.61 -34.18 16.14
C HIS B 484 16.37 -33.19 17.26
N ASP B 485 16.21 -31.93 16.90
CA ASP B 485 15.75 -30.94 17.85
C ASP B 485 14.30 -30.60 17.53
N VAL B 486 13.85 -29.42 17.95
CA VAL B 486 12.43 -29.08 17.88
C VAL B 486 11.88 -29.30 16.47
N SER B 487 12.58 -28.80 15.45
CA SER B 487 12.04 -28.83 14.09
C SER B 487 13.08 -29.13 13.02
N SER B 488 14.29 -29.53 13.38
CA SER B 488 15.34 -29.70 12.40
C SER B 488 16.11 -30.98 12.72
N ALA B 489 17.18 -31.21 11.99
CA ALA B 489 18.02 -32.38 12.20
C ALA B 489 19.48 -31.98 12.20
N ILE B 490 20.29 -32.74 12.95
CA ILE B 490 21.72 -32.49 13.09
C ILE B 490 22.43 -33.81 12.88
N ASN B 491 23.58 -33.78 12.22
CA ASN B 491 24.42 -34.96 12.04
C ASN B 491 25.83 -34.53 12.41
N ARG B 492 26.15 -34.59 13.69
CA ARG B 492 27.47 -34.14 14.13
C ARG B 492 28.60 -34.96 13.52
N PRO B 493 28.53 -36.29 13.44
CA PRO B 493 29.62 -37.03 12.79
C PRO B 493 29.91 -36.59 11.36
N GLN B 494 28.88 -36.21 10.59
CA GLN B 494 29.17 -35.72 9.23
C GLN B 494 29.93 -34.41 9.28
N ILE B 495 29.62 -33.55 10.26
CA ILE B 495 30.43 -32.35 10.46
C ILE B 495 31.86 -32.72 10.88
N GLY B 496 32.00 -33.77 11.70
CA GLY B 496 33.35 -34.19 12.09
C GLY B 496 34.17 -34.66 10.91
N VAL B 497 33.53 -35.34 9.96
CA VAL B 497 34.23 -35.76 8.73
C VAL B 497 34.66 -34.53 7.94
N VAL B 498 33.83 -33.48 7.88
CA VAL B 498 34.23 -32.26 7.19
C VAL B 498 35.41 -31.63 7.91
N ARG B 499 35.36 -31.61 9.25
CA ARG B 499 36.45 -30.98 10.01
C ARG B 499 37.77 -31.67 9.69
N GLU B 500 37.76 -33.00 9.60
CA GLU B 500 38.99 -33.74 9.30
C GLU B 500 39.44 -33.47 7.86
N PHE B 501 38.49 -33.42 6.92
CA PHE B 501 38.81 -33.09 5.54
C PHE B 501 39.48 -31.73 5.45
N LEU B 502 38.97 -30.74 6.17
CA LEU B 502 39.57 -29.39 6.13
C LEU B 502 40.99 -29.40 6.67
N THR B 503 41.24 -30.14 7.75
CA THR B 503 42.60 -30.20 8.29
C THR B 503 43.57 -30.77 7.26
N ARG B 504 43.12 -31.77 6.49
CA ARG B 504 43.95 -32.34 5.44
C ARG B 504 43.93 -31.51 4.17
N ASN B 505 42.95 -30.62 4.01
CA ASN B 505 42.79 -29.82 2.78
C ASN B 505 42.47 -28.38 3.15
N PRO B 506 43.43 -27.68 3.77
CA PRO B 506 43.11 -26.34 4.32
C PRO B 506 42.73 -25.30 3.28
N ALA B 507 43.08 -25.48 2.01
CA ALA B 507 42.60 -24.56 0.99
C ALA B 507 41.07 -24.51 0.92
N TRP B 508 40.40 -25.56 1.38
CA TRP B 508 38.94 -25.57 1.35
C TRP B 508 38.31 -24.76 2.47
N ARG B 509 39.12 -24.12 3.31
CA ARG B 509 38.57 -23.21 4.32
C ARG B 509 37.88 -21.99 3.69
N LYS B 510 38.03 -21.77 2.38
CA LYS B 510 37.25 -20.74 1.72
C LYS B 510 35.89 -21.25 1.24
N ALA B 511 35.52 -22.48 1.55
CA ALA B 511 34.28 -23.08 1.06
C ALA B 511 33.06 -22.52 1.81
N VAL B 512 31.89 -22.70 1.20
CA VAL B 512 30.62 -22.37 1.83
C VAL B 512 29.98 -23.71 2.21
N PHE B 513 29.46 -23.79 3.43
CA PHE B 513 28.83 -25.01 3.92
C PHE B 513 27.33 -24.97 3.64
N ILE B 514 26.81 -26.02 3.05
CA ILE B 514 25.39 -26.11 2.72
C ILE B 514 24.83 -27.43 3.26
N SER B 515 23.63 -27.37 3.81
CA SER B 515 22.92 -28.58 4.21
C SER B 515 21.43 -28.34 4.05
N PRO B 516 20.62 -29.40 4.11
CA PRO B 516 19.17 -29.21 4.05
C PRO B 516 18.55 -28.70 5.33
N TYR B 517 19.31 -28.55 6.44
CA TYR B 517 18.73 -28.22 7.74
C TYR B 517 19.44 -27.04 8.40
N ASN B 518 18.64 -26.09 8.90
CA ASN B 518 19.19 -24.94 9.61
CA ASN B 518 19.18 -24.93 9.62
C ASN B 518 19.95 -25.34 10.88
N SER B 519 19.50 -26.37 11.60
CA SER B 519 20.20 -26.78 12.82
C SER B 519 21.57 -27.34 12.51
N GLN B 520 21.67 -28.14 11.44
CA GLN B 520 22.97 -28.61 11.01
C GLN B 520 23.88 -27.44 10.67
N ASN B 521 23.34 -26.44 9.95
CA ASN B 521 24.14 -25.29 9.58
C ASN B 521 24.62 -24.55 10.82
N ALA B 522 23.77 -24.40 11.84
CA ALA B 522 24.19 -23.69 13.04
C ALA B 522 25.33 -24.42 13.75
N VAL B 523 25.24 -25.74 13.83
CA VAL B 523 26.33 -26.51 14.42
C VAL B 523 27.60 -26.36 13.60
N ALA B 524 27.49 -26.44 12.26
CA ALA B 524 28.67 -26.38 11.40
C ALA B 524 29.34 -25.03 11.51
N SER B 525 28.54 -23.96 11.58
CA SER B 525 29.08 -22.61 11.69
C SER B 525 30.01 -22.48 12.88
N LYS B 526 29.63 -23.08 14.01
CA LYS B 526 30.45 -22.94 15.21
C LYS B 526 31.65 -23.89 15.18
N ILE B 527 31.48 -25.09 14.60
CA ILE B 527 32.54 -26.09 14.63
C ILE B 527 33.57 -25.82 13.54
N LEU B 528 33.13 -25.37 12.36
CA LEU B 528 33.98 -25.21 11.19
C LEU B 528 34.33 -23.77 10.86
N GLY B 529 33.47 -22.81 11.20
CA GLY B 529 33.72 -21.43 10.87
C GLY B 529 33.43 -21.02 9.45
N LEU B 530 32.92 -21.93 8.63
CA LEU B 530 32.55 -21.56 7.27
C LEU B 530 31.24 -20.77 7.27
N PRO B 531 31.05 -19.88 6.30
CA PRO B 531 29.70 -19.36 6.04
C PRO B 531 28.78 -20.53 5.71
N THR B 532 27.52 -20.42 6.13
CA THR B 532 26.57 -21.50 5.87
C THR B 532 25.37 -20.98 5.11
N GLN B 533 24.71 -21.88 4.38
CA GLN B 533 23.48 -21.56 3.65
C GLN B 533 22.60 -22.79 3.69
N THR B 534 21.29 -22.60 3.83
CA THR B 534 20.42 -23.71 3.47
C THR B 534 20.38 -23.87 1.96
N VAL B 535 20.02 -25.06 1.50
CA VAL B 535 19.86 -25.21 0.05
C VAL B 535 18.89 -24.17 -0.46
N ASP B 536 17.76 -24.03 0.24
CA ASP B 536 16.72 -23.10 -0.20
C ASP B 536 17.23 -21.66 -0.22
N SER B 537 18.12 -21.29 0.71
CA SER B 537 18.62 -19.91 0.76
C SER B 537 19.72 -19.67 -0.26
N SER B 538 20.40 -20.73 -0.69
CA SER B 538 21.52 -20.58 -1.62
C SER B 538 21.05 -20.43 -3.07
N GLN B 539 19.78 -20.75 -3.37
CA GLN B 539 19.32 -20.76 -4.75
C GLN B 539 19.54 -19.37 -5.35
N GLY B 540 20.18 -19.33 -6.52
CA GLY B 540 20.54 -18.09 -7.17
C GLY B 540 21.97 -17.64 -6.95
N SER B 541 22.64 -18.12 -5.91
CA SER B 541 24.00 -17.71 -5.59
C SER B 541 25.00 -18.78 -6.07
N GLU B 542 26.28 -18.40 -6.08
CA GLU B 542 27.33 -19.30 -6.54
C GLU B 542 28.59 -19.03 -5.71
N TYR B 543 29.36 -20.10 -5.48
CA TYR B 543 30.56 -20.02 -4.67
C TYR B 543 31.65 -20.90 -5.29
N ASP B 544 32.91 -20.53 -5.06
CA ASP B 544 33.99 -21.31 -5.64
C ASP B 544 33.99 -22.74 -5.11
N TYR B 545 33.91 -22.90 -3.79
CA TYR B 545 33.93 -24.22 -3.17
C TYR B 545 32.72 -24.41 -2.27
N VAL B 546 32.13 -25.59 -2.35
CA VAL B 546 30.93 -25.91 -1.58
C VAL B 546 31.20 -27.20 -0.83
N ILE B 547 30.80 -27.24 0.43
CA ILE B 547 30.80 -28.48 1.22
C ILE B 547 29.37 -28.74 1.64
N PHE B 548 28.86 -29.92 1.28
CA PHE B 548 27.46 -30.27 1.51
C PHE B 548 27.40 -31.53 2.35
N THR B 549 26.65 -31.49 3.46
CA THR B 549 26.38 -32.68 4.26
C THR B 549 24.90 -32.99 4.16
N GLN B 550 24.57 -34.19 3.71
CA GLN B 550 23.17 -34.49 3.46
C GLN B 550 22.35 -34.56 4.75
N THR B 551 23.02 -34.87 5.87
CA THR B 551 22.45 -34.87 7.22
C THR B 551 21.56 -36.07 7.51
N THR B 552 20.55 -36.29 6.67
CA THR B 552 19.60 -37.40 6.82
C THR B 552 19.32 -37.99 5.44
N GLU B 553 18.52 -39.07 5.42
CA GLU B 553 17.98 -39.67 4.21
C GLU B 553 16.47 -39.46 4.06
N THR B 554 15.93 -38.34 4.54
CA THR B 554 14.49 -38.12 4.49
C THR B 554 14.05 -37.73 3.07
N ALA B 555 12.73 -37.68 2.86
CA ALA B 555 12.22 -37.14 1.60
C ALA B 555 12.74 -35.73 1.36
N HIS B 556 12.85 -34.94 2.43
CA HIS B 556 13.34 -33.56 2.32
C HIS B 556 14.79 -33.53 1.83
N SER B 557 15.65 -34.34 2.43
CA SER B 557 17.07 -34.24 2.09
C SER B 557 17.42 -35.00 0.81
N CYS B 558 16.55 -35.90 0.34
CA CYS B 558 16.75 -36.59 -0.93
C CYS B 558 15.95 -35.98 -2.07
N ASN B 559 15.24 -34.88 -1.84
CA ASN B 559 14.51 -34.23 -2.93
C ASN B 559 15.44 -33.93 -4.09
N VAL B 560 15.11 -34.41 -5.30
CA VAL B 560 16.03 -34.23 -6.44
C VAL B 560 16.20 -32.75 -6.79
N ASN B 561 15.13 -31.97 -6.72
CA ASN B 561 15.25 -30.55 -7.02
C ASN B 561 16.19 -29.87 -6.03
N ARG B 562 15.99 -30.13 -4.74
CA ARG B 562 16.83 -29.52 -3.73
C ARG B 562 18.29 -29.96 -3.90
N PHE B 563 18.49 -31.24 -4.27
CA PHE B 563 19.87 -31.70 -4.45
C PHE B 563 20.50 -31.07 -5.69
N ASN B 564 19.71 -30.92 -6.75
CA ASN B 564 20.18 -30.23 -7.95
C ASN B 564 20.66 -28.82 -7.62
N VAL B 565 19.86 -28.08 -6.86
CA VAL B 565 20.27 -26.72 -6.48
C VAL B 565 21.54 -26.76 -5.64
N ALA B 566 21.59 -27.67 -4.68
CA ALA B 566 22.73 -27.69 -3.78
C ALA B 566 24.04 -27.83 -4.55
N ILE B 567 24.12 -28.81 -5.45
CA ILE B 567 25.41 -29.11 -6.05
C ILE B 567 25.78 -28.14 -7.17
N THR B 568 24.83 -27.41 -7.73
CA THR B 568 25.12 -26.47 -8.80
C THR B 568 25.48 -25.07 -8.28
N ARG B 569 25.69 -24.93 -6.97
CA ARG B 569 26.21 -23.68 -6.44
C ARG B 569 27.70 -23.55 -6.69
N ALA B 570 28.40 -24.66 -6.97
CA ALA B 570 29.86 -24.64 -6.98
C ALA B 570 30.41 -24.26 -8.35
N LYS B 571 31.41 -23.38 -8.35
CA LYS B 571 32.10 -23.00 -9.57
C LYS B 571 33.40 -23.76 -9.80
N VAL B 572 34.01 -24.29 -8.74
CA VAL B 572 35.32 -24.93 -8.85
C VAL B 572 35.27 -26.34 -8.26
N GLY B 573 34.89 -26.46 -6.99
CA GLY B 573 34.98 -27.73 -6.29
C GLY B 573 33.82 -27.94 -5.33
N ILE B 574 33.53 -29.22 -5.07
CA ILE B 574 32.45 -29.56 -4.15
C ILE B 574 32.83 -30.84 -3.43
N LEU B 575 32.45 -30.91 -2.15
CA LEU B 575 32.55 -32.13 -1.35
C LEU B 575 31.15 -32.43 -0.82
N CYS B 576 30.63 -33.60 -1.16
CA CYS B 576 29.31 -34.04 -0.73
C CYS B 576 29.49 -35.19 0.24
N ILE B 577 29.09 -35.01 1.49
CA ILE B 577 28.99 -36.12 2.44
C ILE B 577 27.55 -36.62 2.38
N MET B 578 27.37 -37.87 1.96
CA MET B 578 26.06 -38.37 1.59
C MET B 578 25.57 -39.42 2.57
N SER B 579 24.27 -39.38 2.87
CA SER B 579 23.59 -40.44 3.59
C SER B 579 22.82 -41.38 2.68
N ASP B 580 22.35 -40.90 1.54
CA ASP B 580 21.46 -41.67 0.67
C ASP B 580 22.30 -42.37 -0.40
N ARG B 581 22.34 -43.70 -0.36
CA ARG B 581 23.09 -44.44 -1.36
C ARG B 581 22.62 -44.11 -2.77
N ASP B 582 21.32 -43.91 -2.95
CA ASP B 582 20.76 -43.60 -4.26
C ASP B 582 21.42 -42.35 -4.86
N LEU B 583 21.31 -41.22 -4.18
CA LEU B 583 21.94 -40.01 -4.72
C LEU B 583 23.47 -40.12 -4.72
N TYR B 584 24.05 -40.80 -3.73
CA TYR B 584 25.50 -40.98 -3.74
C TYR B 584 25.97 -41.65 -5.04
N ASP B 585 25.25 -42.70 -5.48
CA ASP B 585 25.64 -43.42 -6.69
C ASP B 585 25.41 -42.61 -7.95
N LYS B 586 24.50 -41.64 -7.91
CA LYS B 586 24.27 -40.76 -9.05
C LYS B 586 25.31 -39.65 -9.17
N LEU B 587 26.13 -39.44 -8.16
CA LEU B 587 27.13 -38.38 -8.22
C LEU B 587 28.32 -38.86 -9.04
N GLN B 588 28.61 -38.15 -10.13
CA GLN B 588 29.76 -38.45 -10.99
C GLN B 588 31.02 -37.78 -10.45
N PHE B 589 31.26 -37.95 -9.16
CA PHE B 589 32.37 -37.34 -8.43
C PHE B 589 33.36 -38.43 -8.06
N THR B 590 34.54 -38.00 -7.60
CA THR B 590 35.54 -38.95 -7.11
C THR B 590 35.18 -39.38 -5.69
N SER B 591 35.23 -40.69 -5.43
CA SER B 591 34.89 -41.23 -4.13
C SER B 591 36.07 -41.12 -3.19
N LEU B 592 35.79 -40.80 -1.94
CA LEU B 592 36.79 -40.67 -0.89
C LEU B 592 36.45 -41.61 0.26
N GLU B 593 37.46 -42.29 0.79
CA GLU B 593 37.22 -43.17 1.93
C GLU B 593 37.04 -42.34 3.20
N ILE B 594 36.24 -42.88 4.12
CA ILE B 594 36.04 -42.23 5.41
C ILE B 594 37.34 -42.28 6.21
N PRO B 595 37.84 -41.15 6.74
CA PRO B 595 39.06 -41.09 7.55
C PRO B 595 38.99 -41.97 8.79
ZN ZN C . 25.22 26.38 -30.92
ZN ZN D . 7.54 25.36 -17.73
ZN ZN E . -2.08 21.83 -25.75
PB ADP F . -21.58 16.50 13.85
O1B ADP F . -22.24 17.34 12.79
O2B ADP F . -21.13 15.14 13.37
O3B ADP F . -20.58 17.26 14.68
PA ADP F . -22.87 14.80 15.62
O1A ADP F . -23.55 13.81 14.69
O2A ADP F . -21.52 14.46 16.20
O3A ADP F . -22.80 16.19 14.82
O5' ADP F . -23.81 15.24 16.85
C5' ADP F . -25.22 15.40 16.69
C4' ADP F . -25.97 14.22 17.29
O4' ADP F . -27.36 14.56 17.46
C3' ADP F . -25.95 12.95 16.48
O3' ADP F . -24.78 12.18 16.79
C2' ADP F . -27.21 12.27 16.97
O2' ADP F . -26.97 11.69 18.25
C1' ADP F . -28.16 13.44 17.06
N9 ADP F . -28.80 13.74 15.74
C8 ADP F . -28.29 14.50 14.76
N7 ADP F . -29.13 14.57 13.70
C5 ADP F . -30.22 13.84 14.00
C6 ADP F . -31.49 13.49 13.32
N6 ADP F . -31.76 13.95 12.08
N1 ADP F . -32.35 12.70 13.99
C2 ADP F . -32.09 12.23 15.23
N3 ADP F . -30.96 12.52 15.89
C4 ADP F . -30.00 13.29 15.35
P PO4 G . -17.83 19.81 13.90
O1 PO4 G . -18.69 20.42 12.82
O2 PO4 G . -16.38 20.26 13.71
O3 PO4 G . -18.29 20.24 15.26
O4 PO4 G . -17.85 18.31 13.76
S1 MPO H . 1.00 28.45 16.64
O1 MPO H . -0.20 27.67 16.47
O2 MPO H . 1.37 28.68 18.02
O4 MPO H . -0.58 32.37 9.89
N1 MPO H . 0.27 31.62 12.51
C1 MPO H . 0.71 30.03 15.91
O3 MPO H . 2.13 27.86 15.87
C2 MPO H . 0.46 30.00 14.41
C3 MPO H . 0.01 31.36 13.93
C4 MPO H . -0.07 33.01 12.17
C5 MPO H . 0.18 33.25 10.71
C6 MPO H . -0.25 31.02 10.21
C7 MPO H . -0.52 30.72 11.66
PB ADP I . -26.09 -2.59 -9.94
O1B ADP I . -24.80 -1.79 -9.97
O2B ADP I . -26.60 -2.92 -8.55
O3B ADP I . -27.17 -2.09 -10.88
PA ADP I . -24.88 -5.15 -9.77
O1A ADP I . -23.98 -5.85 -10.76
O2A ADP I . -24.28 -4.60 -8.50
O3A ADP I . -25.65 -3.99 -10.58
O5' ADP I . -26.07 -6.15 -9.38
C5' ADP I . -26.68 -6.92 -10.41
C4' ADP I . -28.18 -6.85 -10.20
O4' ADP I . -28.57 -7.63 -9.07
C3' ADP I . -28.73 -5.47 -9.92
O3' ADP I . -28.90 -4.74 -11.13
C2' ADP I . -30.05 -5.82 -9.26
O2' ADP I . -31.04 -6.17 -10.23
C1' ADP I . -29.69 -7.01 -8.40
N9 ADP I . -29.28 -6.63 -7.02
C8 ADP I . -28.03 -6.35 -6.63
N7 ADP I . -27.99 -6.05 -5.30
C5 ADP I . -29.24 -6.15 -4.83
C6 ADP I . -29.90 -5.98 -3.51
N6 ADP I . -29.18 -5.62 -2.43
N1 ADP I . -31.24 -6.18 -3.45
C2 ADP I . -31.96 -6.53 -4.53
N3 ADP I . -31.42 -6.71 -5.75
C4 ADP I . -30.10 -6.53 -5.97
ZN ZN J . -18.80 -24.31 1.16
ZN ZN K . -23.47 -22.53 -10.64
ZN ZN L . -35.87 -21.37 14.95
PB ADP M . 21.82 -18.06 -13.89
O1B ADP M . 20.95 -18.51 -15.03
O2B ADP M . 21.51 -16.67 -13.36
O3B ADP M . 22.00 -19.13 -12.83
PA ADP M . 24.56 -17.16 -13.95
O1A ADP M . 24.33 -15.67 -14.03
O2A ADP M . 24.90 -17.77 -12.61
O3A ADP M . 23.27 -17.90 -14.60
O5' ADP M . 25.73 -17.56 -14.98
C5' ADP M . 25.77 -17.00 -16.29
C4' ADP M . 26.87 -15.94 -16.37
O4' ADP M . 27.44 -15.99 -17.69
C3' ADP M . 26.39 -14.50 -16.23
O3' ADP M . 27.48 -13.67 -15.83
C2' ADP M . 25.97 -14.16 -17.64
O2' ADP M . 26.02 -12.75 -17.86
C1' ADP M . 27.03 -14.85 -18.46
N9 ADP M . 26.51 -15.31 -19.77
C8 ADP M . 25.44 -16.09 -19.97
N7 ADP M . 25.25 -16.34 -21.29
C5 ADP M . 26.22 -15.71 -21.96
C6 ADP M . 26.62 -15.54 -23.37
N6 ADP M . 25.91 -16.13 -24.37
N1 ADP M . 27.71 -14.79 -23.62
C2 ADP M . 28.44 -14.21 -22.65
N3 ADP M . 28.13 -14.31 -21.35
C4 ADP M . 27.06 -15.03 -20.95
P PO4 N . 20.32 -20.59 -10.59
O1 PO4 N . 19.37 -20.93 -9.47
O2 PO4 N . 19.67 -21.16 -11.83
O3 PO4 N . 20.54 -19.10 -10.70
O4 PO4 N . 21.63 -21.26 -10.27
S1 MPO O . 14.97 -26.60 8.47
O1 MPO O . 15.63 -27.57 9.29
O2 MPO O . 13.97 -25.82 9.15
O4 MPO O . 9.84 -32.19 7.55
N1 MPO O . 11.35 -30.05 7.05
C1 MPO O . 14.15 -27.47 7.16
O3 MPO O . 15.96 -25.72 7.78
C2 MPO O . 13.20 -28.53 7.69
C3 MPO O . 12.30 -29.02 6.60
C4 MPO O . 12.07 -31.23 7.52
C5 MPO O . 11.23 -32.47 7.32
C6 MPO O . 9.34 -31.32 6.53
C7 MPO O . 10.43 -30.44 5.97
P PO4 P . 21.86 -18.04 -13.92
O1 PO4 P . 20.97 -18.50 -15.04
O2 PO4 P . 23.26 -17.83 -14.47
O3 PO4 P . 21.35 -16.75 -13.33
O4 PO4 P . 21.90 -19.11 -12.85
#